data_5CAK
#
_entry.id   5CAK
#
_cell.length_a   78.238
_cell.length_b   78.238
_cell.length_c   223.566
_cell.angle_alpha   90.00
_cell.angle_beta   90.00
_cell.angle_gamma   90.00
#
_symmetry.space_group_name_H-M   'P 43 21 2'
#
loop_
_entity.id
_entity.type
_entity.pdbx_description
1 polymer 'Malate synthase G'
2 non-polymer 'MAGNESIUM ION'
3 non-polymer '(2R)-2-hydroxy-3-(1H-indol-3-yl)propanoic acid'
4 water water
#
_entity_poly.entity_id   1
_entity_poly.type   'polypeptide(L)'
_entity_poly.pdbx_seq_one_letter_code
;MTDRVSVGNLRIARVLYDFVNNEALPGTDIDPDSFWAGVDKVVADLTPQNQALLNARDELQAQIDKWHRRRVIEPIDMDA
YRQFLTEIGYLLPEPDDFTITTSGVDAEITTTAGPQLVVPVLNARFALNAANARWGSLYDALYGTDVIPETDGAEKGPTY
NKVRGDKVIAYARKFLDDSVPLSSGSFGDATGFTVQDGQLVVALPDKSTGLANPGQFAGYTGAAESPTSVLLINHGLHIE
ILIDPESQVGTTDRAGVKDVILESAITTIMDFEDSVAAVDAADKVLGYRNWLGLNKGDLAAAVDKDGTAFLRVLNRDRNY
TAPGGGQFTLPGRSLMFVRNVGHLMTNDAIVDTDGSEVFEGIMDALFTGLIAIHGLKASDVNGPLINSRTGSIYIVKPKM
HGPAEVAFTCELFSRVEDVLGLPQNTMKIGIMDEERRTTVNLKACIKAAADRVVFINTGFLDRTGDEIHTSMEAGPMVRK
GTMKSQPWILAYEDHNVDAGLAAGFSGRAQVGKGMWTMTELMADMVETKIAQPRAGASTAWVPSPTAATLHALHYHQVDV
AAVQQGLAGKRRATIEQLLTIPLAKELAWAPDEIREEVDNNCQSILGYVVRWVDQGVGASKVPDIHDVALMEDRATLRIS
SQLLANWLRHGVITSADVRASLERMAPLVDRQNAGDVAYRPMAPNFDDSIAFLAAQELILSGAQQPNGYTEPILHRRRRE
FKARAAEKPAPSDRAGDDAAR
;
_entity_poly.pdbx_strand_id   A
#
# COMPACT_ATOMS: atom_id res chain seq x y z
N THR A 2 -23.78 -8.64 -22.60
CA THR A 2 -22.77 -7.79 -23.18
C THR A 2 -22.04 -8.32 -24.38
N ASP A 3 -22.03 -9.62 -24.73
CA ASP A 3 -22.79 -10.67 -24.13
C ASP A 3 -22.41 -11.37 -22.85
N ARG A 4 -23.30 -12.27 -22.45
CA ARG A 4 -23.17 -12.88 -21.15
C ARG A 4 -23.39 -14.39 -21.15
N VAL A 5 -22.81 -15.04 -20.16
CA VAL A 5 -22.91 -16.48 -20.00
C VAL A 5 -23.76 -16.77 -18.79
N SER A 6 -24.78 -17.62 -18.95
CA SER A 6 -25.65 -17.96 -17.83
C SER A 6 -25.10 -19.11 -17.00
N VAL A 7 -24.99 -18.87 -15.70
CA VAL A 7 -24.57 -19.86 -14.73
C VAL A 7 -25.48 -19.70 -13.54
N GLY A 8 -26.45 -20.60 -13.41
CA GLY A 8 -27.45 -20.48 -12.36
C GLY A 8 -28.13 -19.13 -12.42
N ASN A 9 -28.04 -18.35 -11.34
CA ASN A 9 -28.68 -17.04 -11.29
C ASN A 9 -27.83 -15.92 -11.87
N LEU A 10 -26.61 -16.24 -12.27
CA LEU A 10 -25.69 -15.22 -12.76
C LEU A 10 -25.62 -15.11 -14.28
N ARG A 11 -25.27 -13.92 -14.75
CA ARG A 11 -25.03 -13.67 -16.15
C ARG A 11 -23.66 -13.01 -16.26
N ILE A 12 -22.68 -13.79 -16.68
CA ILE A 12 -21.27 -13.41 -16.58
C ILE A 12 -20.80 -12.81 -17.89
N ALA A 13 -20.16 -11.64 -17.82
CA ALA A 13 -19.62 -11.02 -19.03
C ALA A 13 -18.72 -12.01 -19.76
N ARG A 14 -18.89 -12.13 -21.07
CA ARG A 14 -18.19 -13.16 -21.83
C ARG A 14 -16.66 -13.00 -21.73
N VAL A 15 -16.18 -11.77 -21.71
CA VAL A 15 -14.74 -11.54 -21.64
C VAL A 15 -14.16 -12.15 -20.35
N LEU A 16 -14.93 -12.06 -19.25
CA LEU A 16 -14.52 -12.65 -17.98
C LEU A 16 -14.65 -14.17 -17.98
N TYR A 17 -15.75 -14.66 -18.51
CA TYR A 17 -15.97 -16.10 -18.59
C TYR A 17 -14.83 -16.77 -19.35
N ASP A 18 -14.52 -16.25 -20.53
CA ASP A 18 -13.46 -16.78 -21.38
C ASP A 18 -12.08 -16.65 -20.73
N PHE A 19 -11.81 -15.52 -20.09
CA PHE A 19 -10.52 -15.35 -19.41
C PHE A 19 -10.31 -16.45 -18.36
N VAL A 20 -11.32 -16.69 -17.54
CA VAL A 20 -11.21 -17.71 -16.51
C VAL A 20 -11.00 -19.13 -17.08
N ASN A 21 -11.84 -19.51 -18.04
CA ASN A 21 -11.75 -20.84 -18.63
C ASN A 21 -10.45 -21.10 -19.38
N ASN A 22 -10.02 -20.13 -20.16
CA ASN A 22 -8.88 -20.33 -21.03
C ASN A 22 -7.54 -20.01 -20.39
N GLU A 23 -7.53 -19.17 -19.36
CA GLU A 23 -6.26 -18.70 -18.79
C GLU A 23 -6.11 -19.00 -17.30
N ALA A 24 -7.15 -18.74 -16.52
CA ALA A 24 -7.04 -18.93 -15.06
C ALA A 24 -7.20 -20.39 -14.56
N LEU A 25 -8.17 -21.11 -15.11
CA LEU A 25 -8.42 -22.48 -14.66
C LEU A 25 -7.38 -23.53 -15.08
N PRO A 26 -6.87 -23.46 -16.32
CA PRO A 26 -5.92 -24.53 -16.71
C PRO A 26 -4.65 -24.55 -15.86
N GLY A 27 -4.39 -25.69 -15.23
CA GLY A 27 -3.21 -25.84 -14.42
C GLY A 27 -3.54 -25.93 -12.94
N THR A 28 -4.78 -25.59 -12.59
CA THR A 28 -5.18 -25.61 -11.19
C THR A 28 -5.83 -26.92 -10.80
N ASP A 29 -6.17 -27.73 -11.81
CA ASP A 29 -6.89 -29.00 -11.62
C ASP A 29 -8.29 -28.84 -11.04
N ILE A 30 -8.83 -27.63 -11.10
CA ILE A 30 -10.21 -27.41 -10.67
C ILE A 30 -11.17 -27.61 -11.84
N ASP A 31 -12.20 -28.42 -11.62
CA ASP A 31 -13.23 -28.65 -12.64
C ASP A 31 -13.98 -27.34 -12.97
N PRO A 32 -13.89 -26.89 -14.23
CA PRO A 32 -14.52 -25.62 -14.62
C PRO A 32 -16.01 -25.54 -14.29
N ASP A 33 -16.77 -26.60 -14.55
CA ASP A 33 -18.19 -26.54 -14.26
C ASP A 33 -18.39 -26.37 -12.75
N SER A 34 -17.58 -27.06 -11.95
CA SER A 34 -17.77 -26.97 -10.51
C SER A 34 -17.32 -25.60 -9.96
N PHE A 35 -16.32 -24.99 -10.60
CA PHE A 35 -15.90 -23.65 -10.21
C PHE A 35 -17.01 -22.64 -10.39
N TRP A 36 -17.58 -22.62 -11.59
CA TRP A 36 -18.68 -21.71 -11.92
C TRP A 36 -19.92 -21.93 -11.05
N ALA A 37 -20.21 -23.19 -10.75
CA ALA A 37 -21.29 -23.50 -9.82
C ALA A 37 -20.95 -22.96 -8.43
N GLY A 38 -19.67 -23.03 -8.06
CA GLY A 38 -19.21 -22.46 -6.81
C GLY A 38 -19.41 -20.95 -6.75
N VAL A 39 -19.06 -20.26 -7.83
CA VAL A 39 -19.26 -18.82 -7.93
C VAL A 39 -20.74 -18.46 -7.72
N ASP A 40 -21.63 -19.14 -8.43
CA ASP A 40 -23.08 -18.92 -8.28
C ASP A 40 -23.54 -19.14 -6.84
N LYS A 41 -23.06 -20.21 -6.23
CA LYS A 41 -23.48 -20.59 -4.89
C LYS A 41 -22.97 -19.61 -3.81
N VAL A 42 -21.68 -19.29 -3.90
CA VAL A 42 -21.06 -18.33 -2.97
C VAL A 42 -21.71 -16.96 -3.09
N VAL A 43 -21.87 -16.48 -4.33
CA VAL A 43 -22.58 -15.23 -4.55
C VAL A 43 -24.01 -15.25 -3.99
N ALA A 44 -24.75 -16.33 -4.27
CA ALA A 44 -26.12 -16.46 -3.74
C ALA A 44 -26.17 -16.49 -2.20
N ASP A 45 -25.28 -17.26 -1.58
CA ASP A 45 -25.27 -17.41 -0.13
C ASP A 45 -24.80 -16.17 0.65
N LEU A 46 -23.81 -15.45 0.13
CA LEU A 46 -23.14 -14.40 0.92
C LEU A 46 -23.61 -12.98 0.62
N THR A 47 -24.31 -12.80 -0.48
CA THR A 47 -24.80 -11.48 -0.88
C THR A 47 -25.71 -10.77 0.14
N PRO A 48 -26.71 -11.49 0.71
CA PRO A 48 -27.58 -10.83 1.71
C PRO A 48 -26.81 -10.29 2.93
N GLN A 49 -25.86 -11.05 3.46
CA GLN A 49 -25.10 -10.58 4.61
C GLN A 49 -24.19 -9.41 4.22
N ASN A 50 -23.64 -9.46 3.01
CA ASN A 50 -22.85 -8.34 2.49
C ASN A 50 -23.71 -7.08 2.52
N GLN A 51 -24.95 -7.19 2.04
CA GLN A 51 -25.86 -6.04 2.00
C GLN A 51 -26.26 -5.59 3.41
N ALA A 52 -26.52 -6.55 4.29
CA ALA A 52 -26.88 -6.25 5.66
C ALA A 52 -25.78 -5.42 6.36
N LEU A 53 -24.53 -5.81 6.13
CA LEU A 53 -23.40 -5.10 6.71
C LEU A 53 -23.35 -3.67 6.19
N LEU A 54 -23.56 -3.48 4.89
CA LEU A 54 -23.60 -2.14 4.33
C LEU A 54 -24.74 -1.29 4.90
N ASN A 55 -25.90 -1.91 5.10
CA ASN A 55 -27.04 -1.21 5.70
C ASN A 55 -26.76 -0.82 7.15
N ALA A 56 -26.05 -1.69 7.87
CA ALA A 56 -25.71 -1.41 9.27
C ALA A 56 -24.80 -0.17 9.38
N ARG A 57 -23.86 -0.04 8.44
CA ARG A 57 -23.05 1.18 8.36
C ARG A 57 -23.93 2.41 8.30
N ASP A 58 -24.89 2.41 7.37
CA ASP A 58 -25.79 3.54 7.16
C ASP A 58 -26.61 3.88 8.42
N GLU A 59 -27.12 2.86 9.09
CA GLU A 59 -27.93 3.05 10.29
C GLU A 59 -27.09 3.67 11.40
N LEU A 60 -25.87 3.19 11.56
CA LEU A 60 -24.99 3.72 12.60
C LEU A 60 -24.62 5.17 12.32
N GLN A 61 -24.31 5.47 11.07
CA GLN A 61 -24.00 6.83 10.68
C GLN A 61 -25.20 7.77 10.89
N ALA A 62 -26.41 7.33 10.56
CA ALA A 62 -27.59 8.16 10.77
C ALA A 62 -27.78 8.49 12.24
N GLN A 63 -27.59 7.50 13.11
CA GLN A 63 -27.72 7.75 14.55
C GLN A 63 -26.67 8.71 15.08
N ILE A 64 -25.44 8.61 14.58
CA ILE A 64 -24.39 9.53 14.99
C ILE A 64 -24.67 10.96 14.48
N ASP A 65 -25.09 11.08 13.22
CA ASP A 65 -25.51 12.38 12.68
C ASP A 65 -26.54 13.03 13.60
N LYS A 66 -27.54 12.23 13.99
CA LYS A 66 -28.63 12.71 14.81
C LYS A 66 -28.15 13.06 16.22
N TRP A 67 -27.18 12.31 16.72
CA TRP A 67 -26.62 12.60 18.04
C TRP A 67 -26.03 14.00 18.06
N HIS A 68 -25.25 14.33 17.03
CA HIS A 68 -24.64 15.65 16.94
C HIS A 68 -25.67 16.76 16.76
N ARG A 69 -26.67 16.50 15.93
CA ARG A 69 -27.64 17.52 15.54
C ARG A 69 -28.55 17.94 16.68
N ARG A 70 -28.78 17.06 17.65
CA ARG A 70 -29.65 17.38 18.78
C ARG A 70 -28.89 17.98 19.96
N ARG A 71 -27.59 18.18 19.78
CA ARG A 71 -26.77 18.75 20.84
C ARG A 71 -26.22 20.09 20.42
N VAL A 72 -25.93 20.93 21.40
CA VAL A 72 -25.47 22.27 21.13
C VAL A 72 -24.26 22.60 22.02
N ILE A 73 -24.01 21.73 23.00
CA ILE A 73 -22.87 21.88 23.92
C ILE A 73 -21.55 21.79 23.16
N GLU A 74 -20.84 22.91 23.05
CA GLU A 74 -19.67 23.03 22.19
C GLU A 74 -18.60 21.94 22.40
N PRO A 75 -17.98 21.86 23.59
CA PRO A 75 -17.02 20.76 23.73
C PRO A 75 -17.79 19.46 23.90
N ILE A 76 -17.53 18.47 23.06
CA ILE A 76 -18.27 17.21 23.18
C ILE A 76 -18.02 16.58 24.55
N ASP A 77 -19.10 16.13 25.18
CA ASP A 77 -19.02 15.40 26.43
C ASP A 77 -18.62 13.96 26.16
N MET A 78 -17.34 13.66 26.36
CA MET A 78 -16.80 12.34 26.02
C MET A 78 -17.51 11.18 26.73
N ASP A 79 -17.87 11.38 27.98
CA ASP A 79 -18.54 10.31 28.74
C ASP A 79 -19.89 9.95 28.12
N ALA A 80 -20.64 10.96 27.66
CA ALA A 80 -21.94 10.72 27.06
C ALA A 80 -21.78 10.19 25.64
N TYR A 81 -20.79 10.72 24.93
CA TYR A 81 -20.52 10.32 23.55
C TYR A 81 -20.14 8.84 23.49
N ARG A 82 -19.23 8.45 24.37
CA ARG A 82 -18.75 7.07 24.43
C ARG A 82 -19.85 6.12 24.85
N GLN A 83 -20.68 6.56 25.81
CA GLN A 83 -21.81 5.77 26.23
C GLN A 83 -22.75 5.51 25.05
N PHE A 84 -23.02 6.56 24.29
CA PHE A 84 -23.90 6.46 23.11
C PHE A 84 -23.38 5.47 22.07
N LEU A 85 -22.10 5.60 21.71
CA LEU A 85 -21.47 4.68 20.76
C LEU A 85 -21.59 3.23 21.23
N THR A 86 -21.51 3.01 22.53
CA THR A 86 -21.64 1.66 23.07
C THR A 86 -23.07 1.17 22.95
N GLU A 87 -24.02 2.06 23.22
CA GLU A 87 -25.43 1.70 23.19
C GLU A 87 -25.89 1.30 21.81
N ILE A 88 -25.40 2.00 20.79
CA ILE A 88 -25.84 1.72 19.43
C ILE A 88 -25.05 0.58 18.78
N GLY A 89 -24.07 0.03 19.50
CA GLY A 89 -23.31 -1.10 18.99
C GLY A 89 -22.15 -0.74 18.10
N TYR A 90 -21.65 0.48 18.24
CA TYR A 90 -20.57 0.99 17.43
C TYR A 90 -19.26 0.65 18.11
N LEU A 91 -19.21 0.92 19.40
CA LEU A 91 -18.10 0.57 20.24
C LEU A 91 -18.44 -0.71 20.98
N LEU A 92 -17.78 -1.80 20.63
CA LEU A 92 -18.08 -3.10 21.23
C LEU A 92 -17.15 -3.40 22.40
N PRO A 93 -17.56 -4.33 23.29
CA PRO A 93 -16.68 -4.74 24.39
C PRO A 93 -15.32 -5.21 23.89
N GLU A 94 -14.27 -5.00 24.67
CA GLU A 94 -12.95 -5.51 24.32
C GLU A 94 -12.85 -6.97 24.76
N PRO A 95 -12.44 -7.84 23.83
CA PRO A 95 -12.35 -9.26 24.17
C PRO A 95 -11.12 -9.55 25.03
N ASP A 96 -11.11 -10.73 25.65
CA ASP A 96 -9.99 -11.16 26.47
C ASP A 96 -8.71 -11.24 25.64
N ASP A 97 -7.56 -11.09 26.30
CA ASP A 97 -6.26 -11.24 25.65
C ASP A 97 -6.18 -12.57 24.91
N PHE A 98 -5.50 -12.56 23.77
CA PHE A 98 -5.34 -13.77 22.97
C PHE A 98 -4.08 -13.65 22.14
N THR A 99 -3.66 -14.77 21.55
CA THR A 99 -2.51 -14.78 20.65
C THR A 99 -2.98 -15.39 19.33
N ILE A 100 -2.62 -14.74 18.23
CA ILE A 100 -3.03 -15.20 16.91
C ILE A 100 -2.41 -16.56 16.64
N THR A 101 -3.05 -17.37 15.80
CA THR A 101 -2.59 -18.72 15.56
C THR A 101 -2.21 -18.97 14.11
N THR A 102 -2.23 -17.92 13.30
CA THR A 102 -1.98 -18.01 11.86
C THR A 102 -0.71 -18.80 11.53
N SER A 103 -0.85 -19.83 10.70
CA SER A 103 0.33 -20.64 10.33
C SER A 103 0.48 -20.83 8.82
N GLY A 104 1.62 -21.35 8.40
CA GLY A 104 1.92 -21.49 7.00
C GLY A 104 2.26 -20.19 6.31
N VAL A 105 2.84 -19.24 7.06
CA VAL A 105 3.19 -17.93 6.53
C VAL A 105 4.68 -17.86 6.22
N ASP A 106 5.07 -17.14 5.16
CA ASP A 106 6.47 -17.08 4.74
C ASP A 106 7.28 -16.17 5.66
N ALA A 107 8.58 -16.40 5.70
CA ALA A 107 9.53 -15.63 6.53
C ALA A 107 9.51 -14.12 6.25
N GLU A 108 9.25 -13.76 4.99
CA GLU A 108 9.14 -12.35 4.60
C GLU A 108 8.10 -11.60 5.43
N ILE A 109 7.07 -12.33 5.85
CA ILE A 109 5.97 -11.72 6.59
C ILE A 109 6.09 -11.91 8.10
N THR A 110 6.45 -13.13 8.52
CA THR A 110 6.51 -13.44 9.96
C THR A 110 7.70 -12.76 10.64
N THR A 111 8.81 -12.67 9.92
CA THR A 111 10.07 -12.40 10.59
C THR A 111 10.79 -11.16 10.10
N THR A 112 10.91 -11.02 8.79
CA THR A 112 11.70 -9.94 8.24
C THR A 112 11.03 -8.58 8.36
N ALA A 113 11.73 -7.60 8.90
CA ALA A 113 11.25 -6.23 8.87
C ALA A 113 11.84 -5.48 7.68
N GLY A 114 10.98 -4.86 6.88
CA GLY A 114 11.44 -4.13 5.70
C GLY A 114 10.33 -3.44 4.93
N PRO A 115 10.69 -2.69 3.88
CA PRO A 115 9.70 -1.92 3.11
C PRO A 115 8.70 -2.82 2.39
N GLN A 116 7.53 -2.28 2.15
CA GLN A 116 6.47 -2.95 1.41
C GLN A 116 5.96 -1.99 0.34
N LEU A 117 6.05 -2.44 -0.90
CA LEU A 117 5.72 -1.65 -2.06
C LEU A 117 4.26 -1.94 -2.42
N VAL A 118 3.55 -0.93 -2.91
CA VAL A 118 2.17 -1.10 -3.39
C VAL A 118 2.10 -0.53 -4.79
N VAL A 119 1.51 -1.27 -5.72
CA VAL A 119 1.57 -0.91 -7.13
C VAL A 119 0.25 -1.28 -7.83
N PRO A 120 -0.21 -0.44 -8.79
CA PRO A 120 -1.45 -0.76 -9.50
C PRO A 120 -1.30 -1.99 -10.38
N VAL A 121 -2.15 -2.98 -10.15
CA VAL A 121 -2.07 -4.25 -10.86
C VAL A 121 -2.39 -4.12 -12.35
N LEU A 122 -3.12 -3.06 -12.72
CA LEU A 122 -3.46 -2.84 -14.14
C LEU A 122 -2.27 -2.35 -14.98
N ASN A 123 -1.20 -1.92 -14.31
CA ASN A 123 -0.01 -1.48 -15.03
C ASN A 123 1.07 -2.56 -14.99
N ALA A 124 1.17 -3.34 -16.07
CA ALA A 124 2.06 -4.51 -16.08
C ALA A 124 3.52 -4.13 -15.87
N ARG A 125 3.95 -3.02 -16.46
CA ARG A 125 5.33 -2.60 -16.36
C ARG A 125 5.69 -2.28 -14.91
N PHE A 126 4.82 -1.53 -14.26
CA PHE A 126 5.06 -1.12 -12.88
C PHE A 126 5.01 -2.33 -11.95
N ALA A 127 4.07 -3.24 -12.22
CA ALA A 127 3.93 -4.43 -11.40
C ALA A 127 5.19 -5.28 -11.50
N LEU A 128 5.70 -5.45 -12.72
CA LEU A 128 6.93 -6.21 -12.94
C LEU A 128 8.12 -5.60 -12.21
N ASN A 129 8.27 -4.28 -12.32
CA ASN A 129 9.34 -3.58 -11.61
C ASN A 129 9.26 -3.73 -10.11
N ALA A 130 8.04 -3.77 -9.59
CA ALA A 130 7.85 -3.85 -8.15
C ALA A 130 8.23 -5.24 -7.67
N ALA A 131 7.75 -6.26 -8.38
CA ALA A 131 8.11 -7.63 -8.09
C ALA A 131 9.63 -7.83 -8.12
N ASN A 132 10.30 -7.08 -8.99
CA ASN A 132 11.75 -7.20 -9.13
C ASN A 132 12.48 -6.31 -8.14
N ALA A 133 11.73 -5.52 -7.38
CA ALA A 133 12.34 -4.54 -6.48
C ALA A 133 12.84 -5.14 -5.16
N ARG A 134 12.81 -6.47 -5.03
CA ARG A 134 13.35 -7.15 -3.85
C ARG A 134 14.81 -6.76 -3.68
N TRP A 135 15.48 -6.53 -4.79
CA TRP A 135 16.85 -6.04 -4.77
C TRP A 135 16.91 -4.75 -5.58
N GLY A 136 17.65 -3.78 -5.08
CA GLY A 136 17.73 -2.47 -5.69
C GLY A 136 19.07 -1.80 -5.43
N SER A 137 19.55 -1.06 -6.41
CA SER A 137 20.83 -0.36 -6.34
C SER A 137 20.77 0.84 -5.40
N LEU A 138 21.61 0.84 -4.37
CA LEU A 138 21.69 2.00 -3.49
C LEU A 138 22.32 3.19 -4.20
N TYR A 139 23.35 2.94 -5.02
CA TYR A 139 23.99 4.03 -5.77
C TYR A 139 23.00 4.74 -6.67
N ASP A 140 22.18 3.97 -7.38
CA ASP A 140 21.20 4.57 -8.28
C ASP A 140 20.22 5.41 -7.48
N ALA A 141 19.80 4.91 -6.33
CA ALA A 141 18.83 5.60 -5.48
C ALA A 141 19.39 6.88 -4.87
N LEU A 142 20.68 6.89 -4.60
CA LEU A 142 21.34 8.08 -4.04
C LEU A 142 21.66 9.09 -5.13
N TYR A 143 22.29 8.60 -6.21
CA TYR A 143 22.64 9.48 -7.32
C TYR A 143 21.38 10.09 -7.93
N GLY A 144 20.31 9.31 -7.99
CA GLY A 144 19.12 9.72 -8.72
C GLY A 144 18.18 10.67 -8.00
N THR A 145 18.30 10.80 -6.68
CA THR A 145 17.33 11.59 -5.94
C THR A 145 18.01 12.70 -5.16
N ASP A 146 17.21 13.47 -4.43
CA ASP A 146 17.76 14.59 -3.67
C ASP A 146 18.36 14.17 -2.32
N VAL A 147 18.47 12.87 -2.06
CA VAL A 147 19.15 12.43 -0.84
C VAL A 147 20.58 12.96 -0.83
N ILE A 148 21.24 12.94 -2.00
CA ILE A 148 22.45 13.74 -2.20
C ILE A 148 22.00 15.06 -2.81
N PRO A 149 22.00 16.13 -2.00
CA PRO A 149 21.47 17.40 -2.52
C PRO A 149 22.24 17.84 -3.75
N GLU A 150 21.52 18.44 -4.70
CA GLU A 150 22.13 18.97 -5.89
C GLU A 150 22.68 20.37 -5.60
N THR A 151 23.66 20.44 -4.71
CA THR A 151 24.33 21.71 -4.43
C THR A 151 25.24 22.06 -5.59
N ASP A 152 25.84 23.24 -5.51
CA ASP A 152 26.81 23.70 -6.50
C ASP A 152 27.90 22.64 -6.68
N GLY A 153 28.14 22.23 -7.92
CA GLY A 153 29.14 21.21 -8.20
C GLY A 153 28.62 19.79 -8.27
N ALA A 154 27.55 19.47 -7.54
CA ALA A 154 27.07 18.09 -7.41
C ALA A 154 25.72 17.87 -8.06
N GLU A 155 25.40 18.66 -9.07
CA GLU A 155 24.11 18.54 -9.73
C GLU A 155 24.10 17.38 -10.72
N LYS A 156 22.91 16.84 -10.97
CA LYS A 156 22.75 15.83 -11.99
C LYS A 156 22.87 16.51 -13.34
N GLY A 157 23.63 15.90 -14.25
CA GLY A 157 23.72 16.38 -15.62
C GLY A 157 23.12 15.37 -16.58
N PRO A 158 23.38 15.54 -17.88
CA PRO A 158 23.00 14.53 -18.87
C PRO A 158 23.91 13.31 -18.74
N THR A 159 25.10 13.53 -18.18
CA THR A 159 26.09 12.47 -17.96
C THR A 159 26.65 12.47 -16.53
N TYR A 160 27.51 11.49 -16.24
CA TYR A 160 28.02 11.23 -14.88
C TYR A 160 28.78 12.40 -14.26
N ASN A 161 28.27 12.90 -13.14
CA ASN A 161 28.96 13.92 -12.36
C ASN A 161 29.78 13.27 -11.25
N LYS A 162 31.11 13.31 -11.41
CA LYS A 162 32.02 12.64 -10.49
C LYS A 162 31.98 13.18 -9.06
N VAL A 163 31.79 14.48 -8.91
CA VAL A 163 31.66 15.10 -7.59
C VAL A 163 30.45 14.50 -6.86
N ARG A 164 29.37 14.33 -7.61
CA ARG A 164 28.16 13.75 -7.06
C ARG A 164 28.35 12.27 -6.76
N GLY A 165 28.94 11.56 -7.71
CA GLY A 165 29.26 10.16 -7.55
C GLY A 165 30.09 9.90 -6.30
N ASP A 166 31.07 10.76 -6.05
CA ASP A 166 31.91 10.59 -4.88
C ASP A 166 31.10 10.78 -3.60
N LYS A 167 30.13 11.69 -3.63
CA LYS A 167 29.24 11.91 -2.49
C LYS A 167 28.39 10.66 -2.26
N VAL A 168 27.94 10.06 -3.35
CA VAL A 168 27.21 8.80 -3.30
C VAL A 168 28.02 7.69 -2.64
N ILE A 169 29.24 7.48 -3.14
CA ILE A 169 30.15 6.51 -2.58
C ILE A 169 30.38 6.72 -1.07
N ALA A 170 30.64 7.97 -0.68
CA ALA A 170 30.88 8.29 0.73
C ALA A 170 29.66 8.05 1.61
N TYR A 171 28.48 8.37 1.09
CA TYR A 171 27.25 8.13 1.84
C TYR A 171 27.12 6.64 2.11
N ALA A 172 27.38 5.84 1.09
CA ALA A 172 27.21 4.40 1.19
C ALA A 172 28.29 3.76 2.08
N ARG A 173 29.48 4.34 2.12
CA ARG A 173 30.55 3.84 2.98
C ARG A 173 30.15 4.03 4.45
N LYS A 174 29.58 5.20 4.73
CA LYS A 174 29.09 5.48 6.08
C LYS A 174 27.96 4.53 6.47
N PHE A 175 27.07 4.22 5.54
CA PHE A 175 26.01 3.24 5.79
C PHE A 175 26.59 1.89 6.18
N LEU A 176 27.62 1.46 5.45
CA LEU A 176 28.27 0.19 5.74
C LEU A 176 28.93 0.21 7.12
N ASP A 177 29.61 1.30 7.43
CA ASP A 177 30.25 1.43 8.74
C ASP A 177 29.21 1.35 9.85
N ASP A 178 28.05 1.96 9.62
CA ASP A 178 26.99 1.97 10.62
C ASP A 178 26.29 0.61 10.74
N SER A 179 26.18 -0.10 9.62
CA SER A 179 25.33 -1.28 9.58
C SER A 179 26.07 -2.60 9.79
N VAL A 180 27.30 -2.66 9.31
CA VAL A 180 28.11 -3.86 9.41
C VAL A 180 29.52 -3.45 9.81
N PRO A 181 29.68 -2.96 11.05
CA PRO A 181 30.92 -2.31 11.47
C PRO A 181 32.16 -3.21 11.36
N LEU A 182 33.28 -2.60 10.99
CA LEU A 182 34.55 -3.30 10.98
C LEU A 182 35.11 -3.40 12.40
N SER A 183 35.90 -4.43 12.69
CA SER A 183 36.54 -4.54 14.02
C SER A 183 37.40 -3.35 14.23
N SER A 184 38.11 -2.96 13.19
CA SER A 184 38.97 -1.79 13.28
C SER A 184 38.88 -0.97 11.99
N GLY A 185 38.83 0.35 12.12
CA GLY A 185 38.82 1.23 10.95
C GLY A 185 37.48 1.31 10.23
N SER A 186 37.51 1.87 9.02
CA SER A 186 36.29 2.20 8.29
C SER A 186 36.28 1.65 6.87
N PHE A 187 35.10 1.28 6.39
CA PHE A 187 34.93 0.91 4.98
C PHE A 187 35.45 1.98 4.03
N GLY A 188 35.46 3.23 4.50
CA GLY A 188 35.92 4.35 3.71
C GLY A 188 37.36 4.19 3.22
N ASP A 189 38.15 3.44 3.98
CA ASP A 189 39.57 3.26 3.68
C ASP A 189 39.90 1.87 3.14
N ALA A 190 38.87 1.06 2.90
CA ALA A 190 39.09 -0.27 2.34
C ALA A 190 39.82 -0.19 1.00
N THR A 191 40.70 -1.14 0.74
CA THR A 191 41.40 -1.21 -0.53
C THR A 191 41.06 -2.52 -1.20
N GLY A 192 40.41 -3.42 -0.47
CA GLY A 192 40.03 -4.70 -1.04
C GLY A 192 39.34 -5.65 -0.07
N PHE A 193 38.72 -6.69 -0.63
CA PHE A 193 37.97 -7.69 0.14
C PHE A 193 38.40 -9.09 -0.26
N THR A 194 38.65 -9.95 0.73
CA THR A 194 38.86 -11.38 0.45
C THR A 194 38.17 -12.25 1.49
N VAL A 195 37.97 -13.52 1.12
CA VAL A 195 37.41 -14.49 2.03
C VAL A 195 38.51 -15.52 2.38
N GLN A 196 38.87 -15.59 3.65
CA GLN A 196 39.92 -16.51 4.09
C GLN A 196 39.42 -17.34 5.26
N ASP A 197 39.44 -18.66 5.09
CA ASP A 197 38.95 -19.60 6.09
C ASP A 197 37.54 -19.26 6.55
N GLY A 198 36.67 -18.95 5.59
CA GLY A 198 35.28 -18.62 5.87
C GLY A 198 35.07 -17.27 6.52
N GLN A 199 36.12 -16.46 6.60
CA GLN A 199 36.01 -15.15 7.22
C GLN A 199 36.19 -14.03 6.19
N LEU A 200 35.42 -12.96 6.32
CA LEU A 200 35.64 -11.81 5.44
C LEU A 200 36.84 -11.00 5.96
N VAL A 201 37.76 -10.67 5.05
CA VAL A 201 38.93 -9.88 5.40
C VAL A 201 38.94 -8.61 4.57
N VAL A 202 38.90 -7.47 5.24
CA VAL A 202 38.92 -6.19 4.55
C VAL A 202 40.31 -5.57 4.62
N ALA A 203 40.92 -5.34 3.47
CA ALA A 203 42.23 -4.73 3.44
C ALA A 203 42.09 -3.24 3.70
N LEU A 204 42.89 -2.73 4.60
CA LEU A 204 42.98 -1.31 4.86
C LEU A 204 44.35 -0.86 4.35
N PRO A 205 44.68 0.44 4.43
CA PRO A 205 45.98 0.80 3.85
C PRO A 205 47.13 0.19 4.66
N ASP A 206 46.98 0.20 5.98
CA ASP A 206 48.07 -0.13 6.90
C ASP A 206 47.97 -1.54 7.48
N LYS A 207 46.86 -2.22 7.22
CA LYS A 207 46.55 -3.48 7.88
C LYS A 207 45.27 -4.08 7.29
N SER A 208 44.88 -5.23 7.82
CA SER A 208 43.60 -5.83 7.47
C SER A 208 42.73 -5.93 8.72
N THR A 209 41.43 -6.13 8.53
CA THR A 209 40.52 -6.29 9.64
C THR A 209 39.34 -7.13 9.20
N GLY A 210 38.61 -7.66 10.17
CA GLY A 210 37.39 -8.38 9.89
C GLY A 210 36.19 -7.58 10.38
N LEU A 211 35.01 -8.20 10.35
CA LEU A 211 33.81 -7.58 10.87
C LEU A 211 33.83 -7.65 12.40
N ALA A 212 33.36 -6.60 13.06
CA ALA A 212 33.15 -6.63 14.50
C ALA A 212 32.20 -7.77 14.89
N ASN A 213 31.27 -8.09 13.99
CA ASN A 213 30.41 -9.25 14.14
C ASN A 213 30.53 -10.13 12.90
N PRO A 214 31.41 -11.13 12.96
CA PRO A 214 31.71 -12.01 11.83
C PRO A 214 30.46 -12.68 11.30
N GLY A 215 29.44 -12.85 12.14
CA GLY A 215 28.20 -13.47 11.73
C GLY A 215 27.40 -12.66 10.71
N GLN A 216 27.76 -11.39 10.54
CA GLN A 216 27.12 -10.55 9.51
C GLN A 216 27.65 -10.85 8.11
N PHE A 217 28.71 -11.64 8.02
CA PHE A 217 29.20 -12.12 6.72
C PHE A 217 28.29 -13.26 6.26
N ALA A 218 27.56 -13.02 5.18
CA ALA A 218 26.56 -13.99 4.70
C ALA A 218 26.98 -14.77 3.45
N GLY A 219 27.97 -14.26 2.72
CA GLY A 219 28.39 -14.95 1.50
C GLY A 219 29.13 -14.08 0.50
N TYR A 220 29.36 -14.62 -0.68
CA TYR A 220 30.11 -13.92 -1.71
C TYR A 220 29.89 -14.53 -3.07
N THR A 221 30.40 -13.87 -4.11
CA THR A 221 30.43 -14.45 -5.44
C THR A 221 31.85 -14.30 -5.98
N GLY A 222 32.21 -15.16 -6.94
CA GLY A 222 33.55 -15.18 -7.50
C GLY A 222 34.56 -15.89 -6.61
N ALA A 223 35.83 -15.74 -6.97
CA ALA A 223 36.91 -16.38 -6.23
C ALA A 223 37.08 -15.74 -4.86
N ALA A 224 37.21 -16.56 -3.81
CA ALA A 224 37.41 -16.03 -2.46
C ALA A 224 38.60 -15.09 -2.40
N GLU A 225 39.58 -15.32 -3.27
CA GLU A 225 40.81 -14.55 -3.25
C GLU A 225 40.72 -13.25 -4.06
N SER A 226 39.66 -13.15 -4.87
CA SER A 226 39.39 -11.92 -5.62
C SER A 226 37.89 -11.90 -5.99
N PRO A 227 37.02 -11.66 -4.99
CA PRO A 227 35.58 -11.85 -5.14
C PRO A 227 34.94 -10.82 -6.05
N THR A 228 33.88 -11.22 -6.75
CA THR A 228 33.10 -10.30 -7.58
C THR A 228 32.07 -9.55 -6.74
N SER A 229 31.70 -10.13 -5.60
CA SER A 229 30.87 -9.42 -4.63
C SER A 229 30.95 -10.05 -3.26
N VAL A 230 30.57 -9.27 -2.26
CA VAL A 230 30.49 -9.73 -0.89
C VAL A 230 29.07 -9.47 -0.38
N LEU A 231 28.46 -10.50 0.22
CA LEU A 231 27.12 -10.38 0.77
C LEU A 231 27.17 -10.29 2.29
N LEU A 232 26.51 -9.27 2.83
CA LEU A 232 26.39 -9.09 4.27
C LEU A 232 24.91 -9.18 4.67
N ILE A 233 24.66 -9.34 5.97
CA ILE A 233 23.30 -9.33 6.48
C ILE A 233 23.21 -8.53 7.79
N ASN A 234 22.19 -7.69 7.91
CA ASN A 234 21.99 -6.90 9.13
C ASN A 234 20.49 -6.76 9.42
N HIS A 235 20.09 -7.04 10.65
CA HIS A 235 18.68 -7.04 11.01
C HIS A 235 17.83 -7.89 10.05
N GLY A 236 18.39 -8.98 9.53
CA GLY A 236 17.63 -9.86 8.65
C GLY A 236 17.57 -9.42 7.18
N LEU A 237 18.18 -8.29 6.84
CA LEU A 237 18.16 -7.80 5.46
C LEU A 237 19.55 -7.87 4.81
N HIS A 238 19.59 -8.24 3.53
CA HIS A 238 20.88 -8.41 2.88
C HIS A 238 21.45 -7.15 2.25
N ILE A 239 22.78 -7.08 2.27
CA ILE A 239 23.52 -5.99 1.66
C ILE A 239 24.60 -6.60 0.79
N GLU A 240 24.65 -6.24 -0.48
CA GLU A 240 25.66 -6.80 -1.36
C GLU A 240 26.60 -5.75 -1.94
N ILE A 241 27.87 -5.87 -1.65
CA ILE A 241 28.87 -4.97 -2.21
C ILE A 241 29.37 -5.59 -3.51
N LEU A 242 29.14 -4.91 -4.63
CA LEU A 242 29.62 -5.42 -5.92
C LEU A 242 31.01 -4.88 -6.21
N ILE A 243 31.93 -5.76 -6.57
CA ILE A 243 33.32 -5.37 -6.80
C ILE A 243 33.68 -5.49 -8.27
N ASP A 244 33.95 -4.34 -8.89
CA ASP A 244 34.31 -4.33 -10.32
C ASP A 244 35.07 -3.05 -10.65
N PRO A 245 36.41 -3.11 -10.57
CA PRO A 245 37.31 -1.98 -10.84
C PRO A 245 37.17 -1.50 -12.28
N GLU A 246 36.66 -2.36 -13.15
CA GLU A 246 36.55 -2.02 -14.57
C GLU A 246 35.15 -1.56 -14.91
N SER A 247 34.50 -0.88 -13.97
CA SER A 247 33.21 -0.28 -14.24
C SER A 247 33.32 1.24 -14.09
N GLN A 248 32.29 1.95 -14.57
CA GLN A 248 32.25 3.42 -14.48
C GLN A 248 32.63 3.89 -13.09
N VAL A 249 31.93 3.39 -12.09
CA VAL A 249 32.11 3.85 -10.73
C VAL A 249 33.26 3.13 -10.02
N GLY A 250 33.40 1.83 -10.29
CA GLY A 250 34.46 1.05 -9.69
C GLY A 250 35.85 1.62 -9.92
N THR A 251 36.11 2.09 -11.14
CA THR A 251 37.43 2.63 -11.49
C THR A 251 37.82 3.84 -10.64
N THR A 252 36.83 4.56 -10.12
CA THR A 252 37.08 5.73 -9.29
C THR A 252 37.10 5.36 -7.80
N ASP A 253 36.93 4.08 -7.49
CA ASP A 253 36.78 3.65 -6.10
C ASP A 253 38.05 3.00 -5.53
N ARG A 254 38.33 3.30 -4.27
CA ARG A 254 39.56 2.85 -3.63
C ARG A 254 39.65 1.32 -3.49
N ALA A 255 38.50 0.64 -3.52
CA ALA A 255 38.47 -0.81 -3.41
C ALA A 255 37.86 -1.43 -4.65
N GLY A 256 37.62 -0.62 -5.67
CA GLY A 256 37.04 -1.10 -6.91
C GLY A 256 35.55 -1.40 -6.79
N VAL A 257 34.91 -0.90 -5.74
CA VAL A 257 33.48 -1.13 -5.54
C VAL A 257 32.62 -0.42 -6.60
N LYS A 258 31.74 -1.19 -7.23
CA LYS A 258 30.89 -0.71 -8.31
C LYS A 258 29.53 -0.21 -7.81
N ASP A 259 28.98 -0.90 -6.81
CA ASP A 259 27.64 -0.58 -6.30
C ASP A 259 27.40 -1.26 -4.98
N VAL A 260 26.40 -0.78 -4.26
CA VAL A 260 25.92 -1.47 -3.07
C VAL A 260 24.44 -1.76 -3.31
N ILE A 261 24.10 -3.04 -3.37
CA ILE A 261 22.73 -3.46 -3.64
C ILE A 261 22.08 -3.76 -2.31
N LEU A 262 20.90 -3.20 -2.06
CA LEU A 262 20.17 -3.49 -0.83
C LEU A 262 18.97 -4.37 -1.12
N GLU A 263 18.74 -5.34 -0.24
CA GLU A 263 17.46 -6.04 -0.22
C GLU A 263 16.45 -5.01 0.25
N SER A 264 15.44 -4.74 -0.59
CA SER A 264 14.59 -3.55 -0.46
C SER A 264 13.10 -3.86 -0.28
N ALA A 265 12.37 -4.05 -1.37
CA ALA A 265 10.95 -4.40 -1.27
C ALA A 265 10.80 -5.88 -0.96
N ILE A 266 10.73 -6.20 0.33
CA ILE A 266 10.67 -7.58 0.78
C ILE A 266 9.34 -8.18 0.32
N THR A 267 8.30 -7.36 0.37
CA THR A 267 6.96 -7.75 -0.07
C THR A 267 6.36 -6.64 -0.90
N THR A 268 5.39 -7.00 -1.72
CA THR A 268 4.74 -6.08 -2.64
C THR A 268 3.26 -6.41 -2.70
N ILE A 269 2.44 -5.37 -2.68
CA ILE A 269 1.01 -5.53 -2.76
C ILE A 269 0.57 -5.18 -4.16
N MET A 270 0.05 -6.18 -4.86
CA MET A 270 -0.47 -5.96 -6.20
C MET A 270 -1.93 -5.52 -6.05
N ASP A 271 -2.22 -4.28 -6.46
CA ASP A 271 -3.43 -3.59 -6.02
C ASP A 271 -4.56 -3.57 -7.06
N PHE A 272 -5.73 -4.06 -6.64
CA PHE A 272 -6.96 -4.00 -7.44
C PHE A 272 -7.88 -2.90 -6.93
N GLU A 273 -7.50 -2.26 -5.81
CA GLU A 273 -8.40 -1.30 -5.19
C GLU A 273 -8.04 0.14 -5.54
N ASP A 274 -7.59 0.92 -4.56
CA ASP A 274 -7.59 2.37 -4.74
C ASP A 274 -6.55 2.97 -5.71
N SER A 275 -5.55 2.18 -6.13
CA SER A 275 -4.60 2.70 -7.11
C SER A 275 -4.92 2.35 -8.56
N VAL A 276 -6.03 1.66 -8.81
CA VAL A 276 -6.43 1.38 -10.19
C VAL A 276 -7.85 1.86 -10.47
N ALA A 277 -8.13 2.12 -11.74
CA ALA A 277 -9.48 2.43 -12.18
C ALA A 277 -10.00 1.26 -12.97
N ALA A 278 -10.96 0.53 -12.38
CA ALA A 278 -11.53 -0.65 -13.04
C ALA A 278 -13.03 -0.71 -12.80
N VAL A 279 -13.80 -0.42 -13.84
CA VAL A 279 -15.23 -0.15 -13.66
C VAL A 279 -16.15 -1.09 -14.40
N ASP A 280 -15.58 -2.12 -15.02
CA ASP A 280 -16.36 -3.04 -15.84
C ASP A 280 -15.57 -4.30 -16.11
N ALA A 281 -16.16 -5.25 -16.83
CA ALA A 281 -15.52 -6.55 -17.03
C ALA A 281 -14.19 -6.44 -17.78
N ALA A 282 -14.12 -5.55 -18.76
CA ALA A 282 -12.87 -5.38 -19.51
C ALA A 282 -11.73 -4.92 -18.58
N ASP A 283 -12.01 -3.95 -17.73
CA ASP A 283 -10.99 -3.45 -16.81
C ASP A 283 -10.56 -4.52 -15.82
N LYS A 284 -11.52 -5.26 -15.28
CA LYS A 284 -11.21 -6.28 -14.29
C LYS A 284 -10.35 -7.38 -14.90
N VAL A 285 -10.67 -7.77 -16.13
CA VAL A 285 -9.93 -8.81 -16.82
C VAL A 285 -8.48 -8.38 -17.10
N LEU A 286 -8.28 -7.10 -17.44
CA LEU A 286 -6.93 -6.60 -17.60
C LEU A 286 -6.13 -6.81 -16.32
N GLY A 287 -6.75 -6.49 -15.19
CA GLY A 287 -6.12 -6.66 -13.89
C GLY A 287 -5.91 -8.12 -13.55
N TYR A 288 -6.95 -8.93 -13.70
CA TYR A 288 -6.83 -10.35 -13.41
C TYR A 288 -5.73 -11.00 -14.26
N ARG A 289 -5.64 -10.60 -15.53
CA ARG A 289 -4.63 -11.18 -16.41
C ARG A 289 -3.20 -10.84 -15.97
N ASN A 290 -2.96 -9.62 -15.53
CA ASN A 290 -1.64 -9.26 -15.01
C ASN A 290 -1.30 -10.04 -13.73
N TRP A 291 -2.26 -10.11 -12.82
CA TRP A 291 -2.14 -10.92 -11.60
C TRP A 291 -1.81 -12.39 -11.97
N LEU A 292 -2.48 -12.90 -13.00
CA LEU A 292 -2.21 -14.25 -13.50
C LEU A 292 -0.79 -14.41 -14.05
N GLY A 293 -0.34 -13.46 -14.86
CA GLY A 293 1.01 -13.48 -15.39
C GLY A 293 2.05 -13.42 -14.30
N LEU A 294 1.79 -12.61 -13.29
CA LEU A 294 2.68 -12.53 -12.14
C LEU A 294 2.79 -13.87 -11.43
N ASN A 295 1.66 -14.53 -11.18
CA ASN A 295 1.69 -15.78 -10.44
C ASN A 295 2.28 -16.94 -11.24
N LYS A 296 2.04 -16.96 -12.55
CA LYS A 296 2.61 -17.98 -13.43
C LYS A 296 4.05 -17.67 -13.78
N GLY A 297 4.48 -16.44 -13.52
CA GLY A 297 5.84 -16.03 -13.75
C GLY A 297 6.15 -15.64 -15.18
N ASP A 298 5.14 -15.62 -16.03
CA ASP A 298 5.36 -15.32 -17.44
C ASP A 298 4.88 -13.94 -17.88
N LEU A 299 4.57 -13.07 -16.93
CA LEU A 299 4.18 -11.71 -17.31
C LEU A 299 5.39 -11.04 -17.95
N ALA A 300 5.17 -10.46 -19.12
CA ALA A 300 6.24 -9.76 -19.81
C ALA A 300 5.67 -8.52 -20.47
N ALA A 301 6.34 -7.39 -20.27
CA ALA A 301 5.88 -6.13 -20.84
C ALA A 301 7.00 -5.37 -21.54
N LEU A 311 11.70 -7.10 -23.83
CA LEU A 311 10.81 -7.72 -22.84
C LEU A 311 11.23 -7.60 -21.43
N ARG A 312 10.45 -6.90 -20.64
CA ARG A 312 10.71 -6.80 -19.23
C ARG A 312 10.01 -8.04 -18.63
N VAL A 313 10.74 -8.85 -17.89
CA VAL A 313 10.22 -10.07 -17.25
C VAL A 313 10.58 -10.15 -15.78
N LEU A 314 10.11 -11.21 -15.11
CA LEU A 314 10.38 -11.45 -13.69
C LEU A 314 11.76 -12.03 -13.47
N ASN A 315 12.44 -11.54 -12.43
CA ASN A 315 13.79 -12.00 -12.09
C ASN A 315 13.87 -13.41 -11.50
N ARG A 316 15.03 -14.05 -11.71
CA ARG A 316 15.35 -15.33 -11.07
C ARG A 316 15.91 -15.10 -9.68
N ASP A 317 15.99 -16.17 -8.89
CA ASP A 317 16.65 -16.09 -7.60
C ASP A 317 18.15 -15.87 -7.77
N ARG A 318 18.81 -15.40 -6.71
CA ARG A 318 20.20 -15.01 -6.77
C ARG A 318 21.10 -16.09 -6.18
N ASN A 319 22.17 -16.44 -6.91
CA ASN A 319 23.11 -17.47 -6.44
C ASN A 319 24.30 -16.91 -5.68
N TYR A 320 24.65 -17.57 -4.58
CA TYR A 320 25.78 -17.13 -3.75
C TYR A 320 26.63 -18.28 -3.27
N THR A 321 27.88 -17.98 -2.94
CA THR A 321 28.72 -18.94 -2.26
C THR A 321 28.70 -18.60 -0.77
N ALA A 322 28.39 -19.60 0.06
CA ALA A 322 28.39 -19.44 1.52
C ALA A 322 29.80 -19.16 2.07
N PRO A 323 29.89 -18.53 3.25
CA PRO A 323 31.20 -18.20 3.82
C PRO A 323 32.14 -19.40 3.84
N GLY A 324 31.61 -20.58 4.15
CA GLY A 324 32.41 -21.79 4.25
C GLY A 324 32.80 -22.40 2.92
N GLY A 325 32.17 -21.94 1.85
CA GLY A 325 32.46 -22.48 0.53
C GLY A 325 31.31 -23.22 -0.14
N GLY A 326 30.27 -23.55 0.62
CA GLY A 326 29.07 -24.14 0.04
C GLY A 326 28.29 -23.18 -0.84
N GLN A 327 27.21 -23.68 -1.43
CA GLN A 327 26.39 -22.90 -2.36
C GLN A 327 25.00 -22.66 -1.80
N PHE A 328 24.43 -21.48 -2.07
CA PHE A 328 23.03 -21.22 -1.74
C PHE A 328 22.33 -20.20 -2.64
N THR A 329 21.02 -20.05 -2.45
CA THR A 329 20.24 -19.06 -3.19
C THR A 329 19.40 -18.19 -2.26
N LEU A 330 19.11 -16.98 -2.74
CA LEU A 330 18.17 -16.08 -2.07
C LEU A 330 17.13 -15.71 -3.11
N PRO A 331 15.87 -15.50 -2.67
CA PRO A 331 14.81 -15.13 -3.61
C PRO A 331 15.10 -13.79 -4.30
N GLY A 332 14.83 -13.71 -5.59
CA GLY A 332 15.11 -12.50 -6.33
C GLY A 332 13.86 -11.66 -6.54
N ARG A 333 12.75 -12.12 -5.98
CA ARG A 333 11.46 -11.46 -6.21
C ARG A 333 10.82 -11.04 -4.90
N SER A 334 10.05 -9.97 -4.96
CA SER A 334 9.25 -9.54 -3.83
C SER A 334 8.13 -10.54 -3.66
N LEU A 335 7.89 -10.97 -2.42
CA LEU A 335 6.77 -11.83 -2.10
C LEU A 335 5.46 -11.03 -2.24
N MET A 336 4.50 -11.55 -3.03
CA MET A 336 3.31 -10.79 -3.42
C MET A 336 2.05 -10.99 -2.57
N PHE A 337 1.44 -9.88 -2.19
CA PHE A 337 0.07 -9.86 -1.70
C PHE A 337 -0.80 -9.40 -2.87
N VAL A 338 -2.10 -9.58 -2.75
CA VAL A 338 -3.00 -8.90 -3.66
C VAL A 338 -3.99 -8.13 -2.78
N ARG A 339 -4.24 -6.86 -3.09
CA ARG A 339 -5.29 -6.13 -2.39
C ARG A 339 -6.58 -6.21 -3.17
N ASN A 340 -7.56 -6.91 -2.62
CA ASN A 340 -8.87 -7.00 -3.25
C ASN A 340 -9.63 -5.71 -2.96
N VAL A 341 -10.71 -5.42 -3.69
CA VAL A 341 -11.59 -4.35 -3.24
C VAL A 341 -12.39 -4.76 -1.98
N GLY A 342 -12.97 -3.78 -1.28
CA GLY A 342 -13.67 -4.03 -0.04
C GLY A 342 -15.14 -4.38 -0.26
N HIS A 343 -15.94 -4.20 0.79
CA HIS A 343 -17.31 -4.72 0.81
C HIS A 343 -18.35 -3.88 0.06
N LEU A 344 -17.98 -2.67 -0.35
CA LEU A 344 -18.97 -1.72 -0.86
C LEU A 344 -19.50 -1.96 -2.27
N MET A 345 -18.60 -1.95 -3.25
CA MET A 345 -18.99 -1.78 -4.64
C MET A 345 -19.48 -3.07 -5.31
N THR A 346 -20.37 -2.88 -6.27
CA THR A 346 -20.72 -3.96 -7.18
C THR A 346 -20.05 -3.66 -8.49
N ASN A 347 -20.09 -4.61 -9.41
CA ASN A 347 -19.48 -4.39 -10.72
C ASN A 347 -20.27 -5.20 -11.75
N ASP A 348 -20.49 -4.62 -12.92
CA ASP A 348 -21.36 -5.26 -13.90
C ASP A 348 -20.68 -6.38 -14.70
N ALA A 349 -19.49 -6.78 -14.25
CA ALA A 349 -18.80 -7.95 -14.82
C ALA A 349 -19.66 -9.18 -14.65
N ILE A 350 -20.44 -9.21 -13.58
CA ILE A 350 -21.48 -10.21 -13.41
C ILE A 350 -22.73 -9.51 -12.90
N VAL A 351 -23.86 -9.82 -13.52
CA VAL A 351 -25.16 -9.38 -13.04
C VAL A 351 -26.06 -10.60 -12.81
N ASP A 352 -27.11 -10.44 -12.02
CA ASP A 352 -28.06 -11.54 -11.84
C ASP A 352 -29.21 -11.45 -12.83
N THR A 353 -30.21 -12.30 -12.65
CA THR A 353 -31.32 -12.38 -13.60
C THR A 353 -32.15 -11.11 -13.59
N ASP A 354 -32.03 -10.33 -12.53
CA ASP A 354 -32.77 -9.07 -12.41
C ASP A 354 -32.00 -7.91 -13.01
N GLY A 355 -30.77 -8.17 -13.45
CA GLY A 355 -29.90 -7.12 -13.95
C GLY A 355 -29.08 -6.48 -12.84
N SER A 356 -29.23 -6.97 -11.61
CA SER A 356 -28.49 -6.44 -10.46
C SER A 356 -27.02 -6.84 -10.47
N GLU A 357 -26.15 -5.85 -10.36
CA GLU A 357 -24.71 -6.10 -10.32
C GLU A 357 -24.30 -6.91 -9.09
N VAL A 358 -23.28 -7.75 -9.26
CA VAL A 358 -22.79 -8.60 -8.20
C VAL A 358 -21.69 -7.87 -7.40
N PHE A 359 -21.59 -8.13 -6.10
CA PHE A 359 -20.56 -7.52 -5.26
C PHE A 359 -19.15 -7.82 -5.73
N GLU A 360 -18.35 -6.77 -5.87
CA GLU A 360 -17.03 -6.88 -6.46
C GLU A 360 -16.04 -7.56 -5.51
N GLY A 361 -16.19 -7.29 -4.22
CA GLY A 361 -15.33 -7.94 -3.24
C GLY A 361 -15.47 -9.45 -3.28
N ILE A 362 -16.68 -9.93 -3.47
CA ILE A 362 -16.90 -11.37 -3.53
C ILE A 362 -16.22 -11.94 -4.79
N MET A 363 -16.39 -11.25 -5.92
CA MET A 363 -15.74 -11.68 -7.15
C MET A 363 -14.22 -11.71 -7.02
N ASP A 364 -13.65 -10.65 -6.45
CA ASP A 364 -12.20 -10.59 -6.27
C ASP A 364 -11.68 -11.78 -5.46
N ALA A 365 -12.40 -12.16 -4.41
CA ALA A 365 -11.96 -13.29 -3.59
C ALA A 365 -11.89 -14.57 -4.43
N LEU A 366 -12.95 -14.82 -5.19
CA LEU A 366 -13.00 -16.01 -6.03
C LEU A 366 -11.92 -15.97 -7.12
N PHE A 367 -11.86 -14.87 -7.84
CA PHE A 367 -10.96 -14.79 -9.00
C PHE A 367 -9.49 -14.59 -8.65
N THR A 368 -9.15 -13.67 -7.75
CA THR A 368 -7.74 -13.50 -7.37
C THR A 368 -7.27 -14.71 -6.58
N GLY A 369 -8.19 -15.36 -5.85
CA GLY A 369 -7.88 -16.58 -5.14
C GLY A 369 -7.57 -17.75 -6.07
N LEU A 370 -8.44 -17.96 -7.05
CA LEU A 370 -8.19 -18.94 -8.10
C LEU A 370 -6.84 -18.70 -8.74
N ILE A 371 -6.63 -17.47 -9.18
CA ILE A 371 -5.44 -17.09 -9.91
C ILE A 371 -4.15 -17.29 -9.09
N ALA A 372 -4.23 -17.00 -7.80
CA ALA A 372 -3.08 -17.16 -6.90
C ALA A 372 -2.60 -18.60 -6.77
N ILE A 373 -3.44 -19.57 -7.13
CA ILE A 373 -3.02 -20.96 -7.07
C ILE A 373 -1.77 -21.18 -7.94
N HIS A 374 -1.71 -20.50 -9.07
CA HIS A 374 -0.54 -20.59 -9.94
C HIS A 374 0.79 -20.17 -9.28
N GLY A 375 0.72 -19.26 -8.32
CA GLY A 375 1.92 -18.81 -7.62
C GLY A 375 2.38 -19.80 -6.56
N LEU A 376 1.58 -20.84 -6.33
CA LEU A 376 1.92 -21.90 -5.39
C LEU A 376 2.53 -23.11 -6.10
N LYS A 377 2.67 -23.02 -7.42
CA LYS A 377 3.30 -24.09 -8.18
C LYS A 377 4.36 -23.59 -9.13
N ALA A 378 5.19 -24.53 -9.59
CA ALA A 378 6.31 -24.25 -10.47
C ALA A 378 5.90 -23.39 -11.64
N SER A 379 6.69 -22.36 -11.91
CA SER A 379 6.48 -21.54 -13.07
C SER A 379 7.15 -22.24 -14.23
N ASP A 380 6.44 -22.37 -15.34
CA ASP A 380 7.00 -22.98 -16.54
C ASP A 380 8.20 -22.19 -17.07
N VAL A 381 8.24 -20.88 -16.85
CA VAL A 381 9.42 -20.10 -17.23
C VAL A 381 10.64 -20.48 -16.40
N ASN A 382 10.99 -19.69 -15.37
CA ASN A 382 12.16 -20.06 -14.54
C ASN A 382 11.85 -20.97 -13.35
N GLY A 383 11.55 -22.22 -13.66
CA GLY A 383 11.56 -23.31 -12.70
C GLY A 383 10.65 -23.16 -11.51
N PRO A 384 11.24 -22.86 -10.34
CA PRO A 384 10.54 -22.81 -9.05
C PRO A 384 9.31 -21.94 -9.10
N LEU A 385 8.36 -22.27 -8.24
CA LEU A 385 7.13 -21.51 -8.07
C LEU A 385 7.45 -20.05 -7.76
N ILE A 386 6.60 -19.16 -8.25
CA ILE A 386 6.82 -17.72 -8.10
C ILE A 386 6.66 -17.16 -6.67
N ASN A 387 5.64 -17.59 -5.93
CA ASN A 387 5.27 -16.83 -4.72
C ASN A 387 5.50 -17.54 -3.37
N SER A 388 4.44 -17.98 -2.71
CA SER A 388 4.55 -18.57 -1.38
C SER A 388 4.96 -20.05 -1.33
N ARG A 389 6.13 -20.31 -0.77
CA ARG A 389 6.63 -21.68 -0.60
C ARG A 389 5.90 -22.40 0.53
N THR A 390 5.37 -21.65 1.47
CA THR A 390 4.69 -22.24 2.62
C THR A 390 3.22 -22.51 2.34
N GLY A 391 2.76 -22.11 1.16
CA GLY A 391 1.42 -22.46 0.69
C GLY A 391 0.29 -21.51 1.05
N SER A 392 0.61 -20.24 1.27
CA SER A 392 -0.43 -19.26 1.60
C SER A 392 -0.78 -18.35 0.44
N ILE A 393 -2.00 -17.84 0.45
CA ILE A 393 -2.40 -16.78 -0.45
C ILE A 393 -2.69 -15.51 0.36
N TYR A 394 -1.95 -14.44 0.09
CA TYR A 394 -1.99 -13.24 0.93
C TYR A 394 -2.88 -12.17 0.34
N ILE A 395 -4.04 -11.95 0.95
CA ILE A 395 -4.98 -10.95 0.44
C ILE A 395 -5.21 -9.80 1.41
N VAL A 396 -4.89 -8.59 0.95
CA VAL A 396 -5.13 -7.38 1.74
C VAL A 396 -6.59 -6.97 1.52
N LYS A 397 -7.32 -6.82 2.61
CA LYS A 397 -8.73 -6.48 2.54
C LYS A 397 -8.97 -5.09 3.12
N PRO A 398 -9.32 -4.14 2.26
CA PRO A 398 -9.44 -2.74 2.68
C PRO A 398 -10.84 -2.36 3.15
N LYS A 399 -10.91 -1.20 3.78
CA LYS A 399 -12.17 -0.52 4.09
C LYS A 399 -13.22 -1.30 4.87
N MET A 400 -12.78 -2.18 5.76
CA MET A 400 -13.73 -2.87 6.65
C MET A 400 -14.09 -2.01 7.87
N HIS A 401 -15.31 -2.16 8.35
CA HIS A 401 -15.78 -1.43 9.53
C HIS A 401 -16.21 -2.40 10.61
N GLY A 402 -15.32 -2.70 11.55
CA GLY A 402 -15.72 -3.49 12.69
C GLY A 402 -15.52 -4.99 12.52
N PRO A 403 -15.65 -5.75 13.62
CA PRO A 403 -15.31 -7.17 13.62
C PRO A 403 -16.30 -8.06 12.87
N ALA A 404 -17.56 -7.67 12.79
CA ALA A 404 -18.50 -8.46 11.98
C ALA A 404 -18.08 -8.42 10.51
N GLU A 405 -17.56 -7.29 10.04
CA GLU A 405 -17.10 -7.21 8.65
C GLU A 405 -15.81 -8.02 8.42
N VAL A 406 -14.96 -8.12 9.43
CA VAL A 406 -13.78 -8.99 9.32
C VAL A 406 -14.18 -10.47 9.29
N ALA A 407 -15.14 -10.83 10.14
CA ALA A 407 -15.67 -12.19 10.22
C ALA A 407 -16.30 -12.59 8.91
N PHE A 408 -17.02 -11.64 8.29
CA PHE A 408 -17.61 -11.89 6.98
C PHE A 408 -16.53 -12.20 5.93
N THR A 409 -15.47 -11.40 5.91
CA THR A 409 -14.37 -11.64 4.98
C THR A 409 -13.75 -13.03 5.16
N CYS A 410 -13.56 -13.42 6.42
CA CYS A 410 -13.01 -14.74 6.73
C CYS A 410 -13.93 -15.86 6.23
N GLU A 411 -15.23 -15.70 6.44
CA GLU A 411 -16.20 -16.68 5.95
C GLU A 411 -16.21 -16.73 4.43
N LEU A 412 -16.15 -15.57 3.80
CA LEU A 412 -15.98 -15.51 2.35
C LEU A 412 -14.77 -16.32 1.89
N PHE A 413 -13.61 -16.09 2.51
CA PHE A 413 -12.40 -16.83 2.16
C PHE A 413 -12.61 -18.33 2.37
N SER A 414 -13.22 -18.68 3.51
CA SER A 414 -13.50 -20.07 3.84
C SER A 414 -14.31 -20.76 2.72
N ARG A 415 -15.35 -20.09 2.24
CA ARG A 415 -16.18 -20.62 1.17
C ARG A 415 -15.44 -20.70 -0.18
N VAL A 416 -14.61 -19.70 -0.46
CA VAL A 416 -13.81 -19.71 -1.68
C VAL A 416 -12.83 -20.88 -1.67
N GLU A 417 -12.15 -21.08 -0.54
CA GLU A 417 -11.22 -22.20 -0.35
C GLU A 417 -11.90 -23.52 -0.68
N ASP A 418 -13.13 -23.69 -0.18
CA ASP A 418 -13.94 -24.85 -0.49
CA ASP A 418 -13.95 -24.85 -0.50
C ASP A 418 -14.18 -25.01 -2.00
N VAL A 419 -14.53 -23.91 -2.66
CA VAL A 419 -14.74 -23.94 -4.12
C VAL A 419 -13.45 -24.32 -4.87
N LEU A 420 -12.32 -23.79 -4.41
CA LEU A 420 -11.05 -23.99 -5.07
C LEU A 420 -10.34 -25.28 -4.69
N GLY A 421 -10.91 -26.01 -3.74
CA GLY A 421 -10.28 -27.22 -3.24
C GLY A 421 -9.02 -26.95 -2.44
N LEU A 422 -8.91 -25.75 -1.89
CA LEU A 422 -7.76 -25.38 -1.05
C LEU A 422 -7.98 -25.77 0.42
N PRO A 423 -6.89 -25.99 1.17
CA PRO A 423 -7.13 -26.27 2.59
C PRO A 423 -7.65 -25.01 3.27
N GLN A 424 -8.46 -25.20 4.30
CA GLN A 424 -8.97 -24.08 5.08
C GLN A 424 -7.82 -23.23 5.59
N ASN A 425 -8.02 -21.92 5.56
CA ASN A 425 -7.06 -20.93 6.03
C ASN A 425 -5.84 -20.70 5.13
N THR A 426 -5.91 -21.20 3.91
CA THR A 426 -4.88 -20.92 2.92
C THR A 426 -4.90 -19.43 2.60
N MET A 427 -6.10 -18.87 2.45
CA MET A 427 -6.26 -17.47 2.11
C MET A 427 -6.13 -16.62 3.37
N LYS A 428 -4.97 -15.97 3.49
CA LYS A 428 -4.64 -15.13 4.64
C LYS A 428 -5.14 -13.71 4.42
N ILE A 429 -5.33 -12.99 5.51
CA ILE A 429 -5.91 -11.65 5.41
C ILE A 429 -4.96 -10.59 5.95
N GLY A 430 -4.72 -9.56 5.15
CA GLY A 430 -4.06 -8.37 5.64
C GLY A 430 -5.16 -7.38 5.98
N ILE A 431 -5.32 -7.09 7.27
CA ILE A 431 -6.38 -6.20 7.70
C ILE A 431 -5.92 -4.75 7.66
N MET A 432 -6.56 -3.98 6.84
CA MET A 432 -6.31 -2.57 6.85
C MET A 432 -7.12 -1.93 7.97
N ASP A 433 -6.47 -1.16 8.80
CA ASP A 433 -7.10 -0.35 9.84
C ASP A 433 -7.19 1.05 9.25
N GLU A 434 -8.28 1.32 8.54
CA GLU A 434 -8.43 2.59 7.83
C GLU A 434 -9.85 3.12 7.93
N GLU A 435 -10.59 2.62 8.92
CA GLU A 435 -11.95 3.07 9.22
C GLU A 435 -12.09 3.11 10.74
N ARG A 436 -12.77 4.12 11.25
CA ARG A 436 -12.83 4.38 12.69
C ARG A 436 -13.47 3.23 13.46
N ARG A 437 -14.50 2.61 12.89
CA ARG A 437 -15.18 1.56 13.63
C ARG A 437 -14.30 0.29 13.73
N THR A 438 -13.30 0.20 12.86
CA THR A 438 -12.26 -0.82 13.03
C THR A 438 -11.21 -0.39 14.06
N THR A 439 -10.76 0.85 13.96
CA THR A 439 -9.80 1.40 14.91
C THR A 439 -10.21 1.19 16.37
N VAL A 440 -11.45 1.53 16.70
CA VAL A 440 -11.91 1.47 18.09
C VAL A 440 -12.32 0.06 18.53
N ASN A 441 -12.45 -0.86 17.58
CA ASN A 441 -12.67 -2.28 17.90
C ASN A 441 -11.57 -3.19 17.35
N LEU A 442 -10.34 -2.67 17.28
CA LEU A 442 -9.26 -3.36 16.58
C LEU A 442 -8.94 -4.76 17.12
N LYS A 443 -8.87 -4.88 18.45
CA LYS A 443 -8.57 -6.18 19.08
C LYS A 443 -9.58 -7.22 18.64
N ALA A 444 -10.86 -6.82 18.68
CA ALA A 444 -11.94 -7.69 18.22
C ALA A 444 -11.81 -8.05 16.74
N CYS A 445 -11.43 -7.09 15.90
CA CYS A 445 -11.19 -7.38 14.48
C CYS A 445 -10.06 -8.41 14.27
N ILE A 446 -8.94 -8.21 14.96
CA ILE A 446 -7.83 -9.17 14.90
C ILE A 446 -8.32 -10.56 15.37
N LYS A 447 -9.07 -10.58 16.45
CA LYS A 447 -9.61 -11.82 16.99
C LYS A 447 -10.49 -12.58 15.99
N ALA A 448 -11.35 -11.85 15.30
CA ALA A 448 -12.22 -12.46 14.30
C ALA A 448 -11.42 -13.11 13.19
N ALA A 449 -10.19 -12.65 12.99
CA ALA A 449 -9.32 -13.25 11.97
C ALA A 449 -8.09 -13.90 12.59
N ALA A 450 -8.21 -14.38 13.83
CA ALA A 450 -7.05 -14.84 14.58
C ALA A 450 -6.26 -15.98 13.91
N ASP A 451 -6.91 -16.73 13.03
CA ASP A 451 -6.19 -17.83 12.36
C ASP A 451 -5.83 -17.51 10.90
N ARG A 452 -6.16 -16.30 10.46
CA ARG A 452 -5.88 -15.89 9.08
C ARG A 452 -5.02 -14.65 8.96
N VAL A 453 -4.95 -13.84 10.03
CA VAL A 453 -4.35 -12.52 9.87
C VAL A 453 -2.82 -12.58 9.69
N VAL A 454 -2.32 -11.91 8.64
CA VAL A 454 -0.88 -11.80 8.41
C VAL A 454 -0.36 -10.36 8.49
N PHE A 455 -1.29 -9.40 8.56
CA PHE A 455 -0.93 -8.05 8.95
C PHE A 455 -2.08 -7.18 9.37
N ILE A 456 -1.72 -6.10 10.05
CA ILE A 456 -2.59 -4.93 10.19
C ILE A 456 -1.75 -3.75 9.72
N ASN A 457 -2.41 -2.74 9.20
CA ASN A 457 -1.73 -1.55 8.80
C ASN A 457 -2.59 -0.27 8.95
N THR A 458 -1.89 0.83 9.15
CA THR A 458 -2.53 2.15 9.28
C THR A 458 -2.29 3.10 8.09
N GLY A 459 -3.10 4.13 7.98
CA GLY A 459 -2.94 5.09 6.90
C GLY A 459 -3.15 6.53 7.30
N PHE A 460 -3.02 7.42 6.35
CA PHE A 460 -3.45 8.77 6.59
C PHE A 460 -4.79 8.92 5.90
N LEU A 461 -4.79 8.67 4.60
CA LEU A 461 -5.83 9.22 3.75
C LEU A 461 -7.23 8.65 4.02
N ASP A 462 -7.42 7.34 3.89
CA ASP A 462 -8.75 6.75 4.05
C ASP A 462 -9.29 6.97 5.45
N ARG A 463 -8.44 6.70 6.45
CA ARG A 463 -8.85 6.79 7.84
C ARG A 463 -9.27 8.23 8.17
N THR A 464 -8.58 9.19 7.58
CA THR A 464 -8.95 10.58 7.76
C THR A 464 -10.27 10.92 7.07
N GLY A 465 -10.47 10.35 5.87
CA GLY A 465 -11.75 10.48 5.20
C GLY A 465 -12.90 9.96 6.04
N ASP A 466 -12.73 8.75 6.60
CA ASP A 466 -13.74 8.21 7.51
C ASP A 466 -13.92 9.08 8.75
N GLU A 467 -12.83 9.62 9.28
CA GLU A 467 -12.90 10.47 10.48
C GLU A 467 -13.79 11.67 10.21
N ILE A 468 -13.57 12.32 9.08
CA ILE A 468 -14.38 13.48 8.70
C ILE A 468 -15.86 13.15 8.50
N HIS A 469 -16.13 12.10 7.74
CA HIS A 469 -17.52 11.75 7.46
C HIS A 469 -18.29 11.33 8.70
N THR A 470 -17.63 10.58 9.57
CA THR A 470 -18.30 10.06 10.76
C THR A 470 -18.81 11.21 11.63
N SER A 471 -18.00 12.25 11.77
CA SER A 471 -18.36 13.39 12.61
C SER A 471 -18.72 14.62 11.79
N MET A 472 -19.13 14.38 10.55
CA MET A 472 -19.56 15.41 9.61
C MET A 472 -20.50 16.45 10.23
N GLU A 473 -21.44 15.96 11.05
CA GLU A 473 -22.43 16.84 11.67
C GLU A 473 -21.92 17.59 12.93
N ALA A 474 -20.78 17.19 13.47
CA ALA A 474 -20.26 17.80 14.71
C ALA A 474 -19.82 19.25 14.57
N GLY A 475 -19.24 19.60 13.42
CA GLY A 475 -18.80 20.97 13.17
C GLY A 475 -17.68 20.99 12.15
N PRO A 476 -17.12 22.17 11.88
CA PRO A 476 -16.01 22.29 10.93
C PRO A 476 -14.74 21.60 11.40
N MET A 477 -14.12 20.85 10.49
CA MET A 477 -12.90 20.11 10.81
C MET A 477 -11.66 20.97 10.52
N VAL A 478 -10.53 20.63 11.17
CA VAL A 478 -9.25 21.26 10.85
C VAL A 478 -8.84 21.00 9.40
N ARG A 479 -7.87 21.78 8.92
CA ARG A 479 -7.38 21.64 7.54
C ARG A 479 -6.73 20.28 7.29
N LYS A 480 -6.66 19.93 6.01
CA LYS A 480 -6.16 18.63 5.60
C LYS A 480 -4.75 18.37 6.10
N GLY A 481 -3.86 19.35 5.93
CA GLY A 481 -2.48 19.23 6.37
C GLY A 481 -2.38 19.08 7.87
N THR A 482 -3.30 19.70 8.60
CA THR A 482 -3.35 19.62 10.05
C THR A 482 -3.71 18.22 10.55
N MET A 483 -4.51 17.49 9.76
CA MET A 483 -5.04 16.20 10.17
C MET A 483 -3.98 15.18 10.54
N LYS A 484 -2.87 15.18 9.80
CA LYS A 484 -1.84 14.18 10.01
C LYS A 484 -1.13 14.28 11.35
N SER A 485 -1.38 15.35 12.12
CA SER A 485 -0.77 15.49 13.43
C SER A 485 -1.79 15.64 14.56
N GLN A 486 -3.07 15.44 14.24
CA GLN A 486 -4.11 15.53 15.26
C GLN A 486 -4.00 14.39 16.28
N PRO A 487 -4.44 14.66 17.52
CA PRO A 487 -4.41 13.65 18.58
C PRO A 487 -5.08 12.32 18.20
N TRP A 488 -6.22 12.36 17.51
CA TRP A 488 -6.90 11.11 17.14
C TRP A 488 -6.02 10.19 16.30
N ILE A 489 -5.25 10.76 15.39
CA ILE A 489 -4.47 9.98 14.45
C ILE A 489 -3.19 9.46 15.08
N LEU A 490 -2.58 10.26 15.95
CA LEU A 490 -1.37 9.83 16.63
C LEU A 490 -1.73 8.70 17.57
N ALA A 491 -2.89 8.81 18.21
CA ALA A 491 -3.38 7.73 19.07
C ALA A 491 -3.73 6.48 18.24
N TYR A 492 -4.41 6.69 17.11
CA TYR A 492 -4.71 5.59 16.19
C TYR A 492 -3.46 4.82 15.76
N GLU A 493 -2.38 5.55 15.46
CA GLU A 493 -1.12 4.93 15.05
C GLU A 493 -0.52 4.04 16.14
N ASP A 494 -0.45 4.58 17.36
CA ASP A 494 0.10 3.83 18.48
C ASP A 494 -0.80 2.67 18.87
N HIS A 495 -2.11 2.92 18.89
CA HIS A 495 -3.07 1.90 19.28
C HIS A 495 -3.00 0.68 18.36
N ASN A 496 -2.78 0.94 17.07
CA ASN A 496 -2.65 -0.14 16.08
C ASN A 496 -1.47 -1.04 16.42
N VAL A 497 -0.32 -0.41 16.70
CA VAL A 497 0.86 -1.15 17.13
C VAL A 497 0.63 -1.94 18.43
N ASP A 498 0.14 -1.24 19.46
CA ASP A 498 -0.22 -1.87 20.74
C ASP A 498 -1.08 -3.13 20.53
N ALA A 499 -2.13 -3.01 19.72
CA ALA A 499 -3.06 -4.12 19.55
C ALA A 499 -2.39 -5.30 18.84
N GLY A 500 -1.60 -5.00 17.83
CA GLY A 500 -0.89 -6.05 17.12
C GLY A 500 0.10 -6.75 18.01
N LEU A 501 0.88 -5.98 18.77
CA LEU A 501 1.88 -6.60 19.63
C LEU A 501 1.24 -7.44 20.73
N ALA A 502 0.17 -6.92 21.33
CA ALA A 502 -0.58 -7.66 22.34
C ALA A 502 -1.19 -8.97 21.79
N ALA A 503 -1.52 -8.99 20.50
CA ALA A 503 -2.05 -10.19 19.86
C ALA A 503 -0.96 -11.17 19.43
N GLY A 504 0.29 -10.84 19.77
CA GLY A 504 1.42 -11.69 19.48
C GLY A 504 1.98 -11.57 18.06
N PHE A 505 1.78 -10.43 17.42
CA PHE A 505 2.24 -10.25 16.04
C PHE A 505 3.76 -10.38 15.88
N SER A 506 4.52 -9.94 16.88
CA SER A 506 5.98 -10.01 16.78
C SER A 506 6.43 -11.45 16.47
N GLY A 507 7.08 -11.62 15.33
CA GLY A 507 7.50 -12.95 14.91
C GLY A 507 6.42 -13.77 14.23
N ARG A 508 5.24 -13.19 14.00
CA ARG A 508 4.13 -13.93 13.42
C ARG A 508 3.44 -13.22 12.26
N ALA A 509 3.36 -11.90 12.34
CA ALA A 509 2.59 -11.13 11.37
C ALA A 509 3.15 -9.71 11.24
N GLN A 510 2.88 -9.06 10.12
CA GLN A 510 3.36 -7.68 9.94
C GLN A 510 2.53 -6.66 10.74
N VAL A 511 3.21 -5.70 11.35
CA VAL A 511 2.54 -4.50 11.84
C VAL A 511 3.02 -3.35 10.96
N GLY A 512 2.12 -2.78 10.17
CA GLY A 512 2.53 -1.89 9.10
C GLY A 512 2.02 -0.46 9.18
N LYS A 513 2.77 0.45 8.60
CA LYS A 513 2.35 1.86 8.56
C LYS A 513 2.27 2.40 7.14
N GLY A 514 1.86 3.66 7.02
CA GLY A 514 1.41 4.21 5.74
C GLY A 514 2.43 4.65 4.70
N MET A 515 1.89 5.16 3.61
CA MET A 515 2.64 5.50 2.41
C MET A 515 3.31 6.86 2.48
N TRP A 516 4.57 6.91 2.06
CA TRP A 516 5.22 8.19 1.76
C TRP A 516 4.81 8.60 0.35
N THR A 517 4.11 9.72 0.23
CA THR A 517 3.50 10.10 -1.05
C THR A 517 4.32 11.07 -1.89
N MET A 518 5.30 11.72 -1.26
CA MET A 518 6.10 12.73 -1.97
C MET A 518 7.28 12.06 -2.65
N THR A 519 7.05 11.68 -3.90
CA THR A 519 7.95 10.79 -4.62
C THR A 519 9.31 11.40 -4.92
N GLU A 520 9.37 12.73 -5.03
CA GLU A 520 10.63 13.36 -5.39
C GLU A 520 11.37 13.86 -4.16
N LEU A 521 10.67 13.90 -3.02
CA LEU A 521 11.29 14.38 -1.79
C LEU A 521 11.87 13.24 -0.98
N MET A 522 12.94 12.62 -1.51
CA MET A 522 13.57 11.46 -0.86
C MET A 522 14.45 11.79 0.35
N ALA A 523 15.12 12.95 0.32
CA ALA A 523 15.88 13.38 1.48
C ALA A 523 14.95 13.49 2.67
N ASP A 524 13.81 14.14 2.46
CA ASP A 524 12.80 14.27 3.51
C ASP A 524 12.28 12.91 3.95
N MET A 525 12.09 12.00 3.00
CA MET A 525 11.65 10.64 3.37
C MET A 525 12.68 9.96 4.28
N VAL A 526 13.94 10.00 3.86
CA VAL A 526 15.01 9.38 4.62
C VAL A 526 15.14 9.99 6.03
N GLU A 527 14.89 11.30 6.13
CA GLU A 527 14.92 11.98 7.42
C GLU A 527 13.75 11.59 8.31
N THR A 528 12.58 11.43 7.69
CA THR A 528 11.32 11.42 8.42
C THR A 528 10.73 10.05 8.72
N LYS A 529 10.75 9.19 7.71
CA LYS A 529 10.02 7.92 7.71
C LYS A 529 10.65 6.93 8.67
N ILE A 530 11.86 7.25 9.15
CA ILE A 530 12.50 6.45 10.19
C ILE A 530 11.60 6.36 11.42
N ALA A 531 10.71 7.34 11.58
CA ALA A 531 9.74 7.34 12.66
C ALA A 531 8.95 6.04 12.73
N GLN A 532 8.65 5.47 11.55
CA GLN A 532 7.78 4.30 11.53
C GLN A 532 8.41 3.02 12.10
N PRO A 533 9.60 2.61 11.62
CA PRO A 533 10.18 1.47 12.34
C PRO A 533 10.54 1.81 13.81
N ARG A 534 10.84 3.07 14.12
CA ARG A 534 11.08 3.44 15.51
C ARG A 534 9.82 3.24 16.37
N ALA A 535 8.67 3.26 15.71
CA ALA A 535 7.39 3.16 16.40
C ALA A 535 6.97 1.69 16.47
N GLY A 536 7.86 0.80 16.05
CA GLY A 536 7.58 -0.62 16.13
C GLY A 536 6.92 -1.27 14.92
N ALA A 537 6.85 -0.55 13.81
CA ALA A 537 6.30 -1.12 12.57
C ALA A 537 7.33 -2.01 11.88
N SER A 538 6.93 -3.24 11.54
CA SER A 538 7.85 -4.15 10.87
C SER A 538 7.77 -3.98 9.36
N THR A 539 6.87 -3.12 8.91
CA THR A 539 6.86 -2.74 7.50
C THR A 539 6.12 -1.43 7.36
N ALA A 540 6.35 -0.75 6.25
CA ALA A 540 5.62 0.46 5.91
C ALA A 540 5.63 0.65 4.40
N TRP A 541 4.70 1.46 3.90
CA TRP A 541 4.50 1.58 2.45
C TRP A 541 5.39 2.59 1.72
N VAL A 542 5.90 2.16 0.57
CA VAL A 542 6.71 3.01 -0.31
C VAL A 542 6.08 3.02 -1.71
N PRO A 543 6.26 4.12 -2.44
CA PRO A 543 5.59 4.34 -3.73
C PRO A 543 6.38 3.84 -4.94
N SER A 544 7.65 3.48 -4.76
CA SER A 544 8.51 3.11 -5.87
C SER A 544 9.64 2.17 -5.44
N PRO A 545 10.20 1.40 -6.39
CA PRO A 545 11.41 0.63 -6.08
C PRO A 545 12.52 1.52 -5.51
N THR A 546 12.66 2.72 -6.05
CA THR A 546 13.67 3.64 -5.56
C THR A 546 13.42 3.98 -4.09
N ALA A 547 12.16 4.27 -3.75
CA ALA A 547 11.85 4.59 -2.38
C ALA A 547 12.00 3.38 -1.46
N ALA A 548 11.84 2.18 -2.01
CA ALA A 548 11.96 0.96 -1.24
C ALA A 548 13.41 0.78 -0.81
N THR A 549 14.32 1.08 -1.72
CA THR A 549 15.74 0.94 -1.45
C THR A 549 16.17 1.95 -0.39
N LEU A 550 15.65 3.16 -0.49
CA LEU A 550 15.99 4.19 0.48
C LEU A 550 15.35 3.92 1.85
N HIS A 551 14.11 3.45 1.87
CA HIS A 551 13.44 3.15 3.14
C HIS A 551 14.09 1.97 3.86
N ALA A 552 14.67 1.04 3.10
CA ALA A 552 15.45 -0.07 3.66
C ALA A 552 16.54 0.41 4.63
N LEU A 553 17.18 1.53 4.31
CA LEU A 553 18.17 2.15 5.22
C LEU A 553 17.64 2.25 6.64
N HIS A 554 16.37 2.60 6.78
CA HIS A 554 15.77 2.79 8.09
C HIS A 554 15.80 1.49 8.91
N TYR A 555 15.64 0.37 8.23
CA TYR A 555 15.54 -0.91 8.93
C TYR A 555 16.93 -1.41 9.29
N HIS A 556 17.94 -0.81 8.68
CA HIS A 556 19.31 -1.10 9.08
C HIS A 556 19.72 -0.30 10.32
N GLN A 557 19.11 0.87 10.48
CA GLN A 557 19.41 1.72 11.62
C GLN A 557 18.59 1.34 12.85
N VAL A 558 17.37 0.87 12.61
CA VAL A 558 16.43 0.56 13.69
C VAL A 558 16.23 -0.93 13.84
N ASP A 559 16.40 -1.44 15.05
CA ASP A 559 16.18 -2.85 15.33
C ASP A 559 14.70 -3.02 15.70
N VAL A 560 13.86 -3.21 14.68
CA VAL A 560 12.42 -3.32 14.89
C VAL A 560 12.03 -4.45 15.86
N ALA A 561 12.69 -5.59 15.79
CA ALA A 561 12.34 -6.70 16.69
C ALA A 561 12.58 -6.29 18.16
N ALA A 562 13.68 -5.61 18.42
CA ALA A 562 13.96 -5.11 19.75
C ALA A 562 12.96 -4.03 20.15
N VAL A 563 12.62 -3.13 19.22
CA VAL A 563 11.64 -2.08 19.51
C VAL A 563 10.32 -2.69 19.95
N GLN A 564 9.86 -3.70 19.20
CA GLN A 564 8.59 -4.37 19.50
C GLN A 564 8.62 -5.08 20.85
N GLN A 565 9.75 -5.70 21.18
CA GLN A 565 9.91 -6.36 22.45
CA GLN A 565 9.94 -6.36 22.46
C GLN A 565 9.80 -5.34 23.59
N GLY A 566 10.33 -4.15 23.36
CA GLY A 566 10.29 -3.09 24.36
C GLY A 566 8.90 -2.53 24.57
N LEU A 567 8.08 -2.55 23.52
CA LEU A 567 6.72 -1.99 23.58
C LEU A 567 5.73 -2.93 24.26
N ALA A 568 6.15 -4.17 24.48
CA ALA A 568 5.27 -5.22 25.00
C ALA A 568 4.55 -4.82 26.27
N GLY A 569 3.23 -4.99 26.26
CA GLY A 569 2.42 -4.75 27.44
C GLY A 569 2.00 -3.30 27.63
N LYS A 570 2.55 -2.40 26.83
CA LYS A 570 2.21 -0.98 26.94
C LYS A 570 0.87 -0.60 26.29
N ARG A 571 0.14 0.25 26.98
CA ARG A 571 -1.11 0.81 26.44
C ARG A 571 -0.88 2.28 26.28
N ARG A 572 -0.60 2.72 25.06
CA ARG A 572 -0.17 4.09 24.82
C ARG A 572 -1.26 5.00 24.26
N ALA A 573 -2.43 4.43 24.01
CA ALA A 573 -3.57 5.21 23.56
C ALA A 573 -4.84 4.78 24.30
N THR A 574 -5.62 5.75 24.73
CA THR A 574 -6.88 5.45 25.39
C THR A 574 -8.03 5.55 24.37
N ILE A 575 -9.17 4.99 24.72
CA ILE A 575 -10.34 5.11 23.87
C ILE A 575 -10.73 6.60 23.70
N GLU A 576 -10.55 7.39 24.74
CA GLU A 576 -10.89 8.81 24.67
C GLU A 576 -10.03 9.52 23.64
N GLN A 577 -8.72 9.24 23.66
CA GLN A 577 -7.83 9.82 22.66
C GLN A 577 -8.25 9.40 21.25
N LEU A 578 -8.58 8.13 21.07
CA LEU A 578 -8.98 7.62 19.75
C LEU A 578 -10.21 8.39 19.25
N LEU A 579 -11.13 8.69 20.17
CA LEU A 579 -12.40 9.33 19.85
C LEU A 579 -12.34 10.85 19.86
N THR A 580 -11.15 11.44 19.90
CA THR A 580 -11.06 12.88 19.93
C THR A 580 -11.28 13.44 18.53
N ILE A 581 -12.48 13.93 18.27
CA ILE A 581 -12.85 14.46 16.96
C ILE A 581 -12.03 15.69 16.56
N PRO A 582 -11.48 15.71 15.33
CA PRO A 582 -10.62 16.85 14.96
C PRO A 582 -11.36 18.12 14.58
N LEU A 583 -12.21 18.62 15.47
CA LEU A 583 -12.95 19.87 15.27
C LEU A 583 -12.02 21.08 15.30
N ALA A 584 -12.27 22.06 14.43
CA ALA A 584 -11.51 23.30 14.49
C ALA A 584 -11.96 24.16 15.66
N LYS A 585 -11.02 24.90 16.24
CA LYS A 585 -11.34 25.83 17.32
C LYS A 585 -12.01 27.06 16.71
N GLU A 586 -12.72 27.81 17.56
CA GLU A 586 -13.48 28.97 17.09
C GLU A 586 -12.60 29.97 16.36
N LEU A 587 -13.01 30.34 15.15
CA LEU A 587 -12.25 31.28 14.31
C LEU A 587 -10.76 30.94 14.22
N ALA A 588 -10.44 29.83 13.55
CA ALA A 588 -9.06 29.32 13.50
C ALA A 588 -8.27 29.84 12.29
N TRP A 589 -8.97 30.32 11.27
CA TRP A 589 -8.33 30.69 10.02
C TRP A 589 -8.67 32.09 9.56
N ALA A 590 -7.69 32.75 8.96
CA ALA A 590 -7.92 33.99 8.23
C ALA A 590 -8.58 33.66 6.90
N PRO A 591 -9.18 34.66 6.24
CA PRO A 591 -9.79 34.42 4.92
C PRO A 591 -8.81 33.90 3.89
N ASP A 592 -7.56 34.34 3.93
CA ASP A 592 -6.57 33.87 2.95
C ASP A 592 -6.22 32.41 3.19
N GLU A 593 -6.24 32.00 4.44
CA GLU A 593 -5.97 30.61 4.78
C GLU A 593 -7.13 29.73 4.31
N ILE A 594 -8.36 30.22 4.45
CA ILE A 594 -9.52 29.45 4.02
C ILE A 594 -9.47 29.20 2.51
N ARG A 595 -9.20 30.24 1.74
CA ARG A 595 -9.12 30.11 0.28
C ARG A 595 -7.97 29.20 -0.15
N GLU A 596 -6.84 29.29 0.54
CA GLU A 596 -5.71 28.40 0.29
C GLU A 596 -6.12 26.93 0.46
N GLU A 597 -6.86 26.64 1.53
CA GLU A 597 -7.26 25.28 1.80
C GLU A 597 -8.29 24.80 0.78
N VAL A 598 -9.20 25.69 0.42
CA VAL A 598 -10.14 25.36 -0.65
C VAL A 598 -9.41 25.07 -1.97
N ASP A 599 -8.49 25.95 -2.37
CA ASP A 599 -7.72 25.73 -3.61
C ASP A 599 -6.95 24.42 -3.55
N ASN A 600 -6.30 24.17 -2.42
CA ASN A 600 -5.53 22.94 -2.20
C ASN A 600 -6.39 21.71 -2.51
N ASN A 601 -7.56 21.65 -1.89
CA ASN A 601 -8.44 20.51 -2.05
C ASN A 601 -9.07 20.40 -3.44
N CYS A 602 -9.44 21.52 -4.06
CA CYS A 602 -10.01 21.44 -5.39
C CYS A 602 -8.98 20.97 -6.42
N GLN A 603 -7.75 21.47 -6.30
CA GLN A 603 -6.68 21.04 -7.20
C GLN A 603 -6.38 19.55 -6.98
N SER A 604 -6.39 19.16 -5.71
CA SER A 604 -6.17 17.76 -5.35
C SER A 604 -7.21 16.86 -6.03
N ILE A 605 -8.47 17.29 -5.96
CA ILE A 605 -9.56 16.51 -6.54
C ILE A 605 -9.48 16.53 -8.06
N LEU A 606 -9.33 17.71 -8.64
CA LEU A 606 -9.28 17.85 -10.09
C LEU A 606 -8.08 17.13 -10.70
N GLY A 607 -6.93 17.27 -10.06
CA GLY A 607 -5.70 16.68 -10.56
C GLY A 607 -5.79 15.17 -10.66
N TYR A 608 -6.44 14.57 -9.67
CA TYR A 608 -6.61 13.12 -9.62
C TYR A 608 -7.77 12.65 -10.53
N VAL A 609 -8.90 13.34 -10.44
CA VAL A 609 -10.10 12.92 -11.14
C VAL A 609 -9.95 12.98 -12.67
N VAL A 610 -9.25 14.00 -13.17
CA VAL A 610 -9.07 14.10 -14.61
C VAL A 610 -8.36 12.87 -15.20
N ARG A 611 -7.33 12.37 -14.51
CA ARG A 611 -6.62 11.19 -15.02
C ARG A 611 -7.46 9.92 -14.88
N TRP A 612 -8.24 9.86 -13.80
CA TRP A 612 -9.07 8.70 -13.50
C TRP A 612 -10.19 8.58 -14.52
N VAL A 613 -10.94 9.66 -14.67
CA VAL A 613 -12.11 9.67 -15.55
C VAL A 613 -11.75 9.59 -17.04
N ASP A 614 -10.80 10.41 -17.47
CA ASP A 614 -10.45 10.49 -18.90
C ASP A 614 -9.54 9.36 -19.34
N GLN A 615 -8.64 8.91 -18.48
CA GLN A 615 -7.65 7.92 -18.91
C GLN A 615 -7.62 6.58 -18.17
N GLY A 616 -8.48 6.43 -17.16
CA GLY A 616 -8.51 5.20 -16.39
C GLY A 616 -7.22 4.93 -15.63
N VAL A 617 -6.58 6.00 -15.17
CA VAL A 617 -5.38 5.91 -14.35
C VAL A 617 -5.74 6.20 -12.89
N GLY A 618 -5.40 5.28 -11.98
CA GLY A 618 -5.84 5.37 -10.61
C GLY A 618 -4.72 5.76 -9.67
N ALA A 619 -3.53 5.98 -10.23
CA ALA A 619 -2.36 6.38 -9.47
C ALA A 619 -1.23 6.78 -10.41
N SER A 620 -0.62 7.93 -10.14
CA SER A 620 0.47 8.45 -10.96
C SER A 620 1.12 9.57 -10.16
N LYS A 621 2.24 10.09 -10.66
CA LYS A 621 2.87 11.25 -10.03
C LYS A 621 2.09 12.49 -10.43
N VAL A 622 1.33 13.03 -9.48
CA VAL A 622 0.50 14.20 -9.75
C VAL A 622 1.01 15.44 -9.02
N PRO A 623 1.25 16.55 -9.76
CA PRO A 623 1.69 17.81 -9.16
C PRO A 623 0.61 18.38 -8.27
N ASP A 624 0.95 18.78 -7.05
CA ASP A 624 -0.05 19.43 -6.21
C ASP A 624 -0.13 20.92 -6.52
N ILE A 625 -0.78 21.68 -5.66
CA ILE A 625 -1.01 23.10 -5.92
C ILE A 625 0.31 23.87 -5.96
N HIS A 626 1.30 23.36 -5.22
CA HIS A 626 2.65 23.93 -5.18
C HIS A 626 3.62 23.17 -6.08
N ASP A 627 3.07 22.37 -6.98
CA ASP A 627 3.84 21.54 -7.90
C ASP A 627 4.78 20.50 -7.28
N VAL A 628 4.53 20.16 -6.01
CA VAL A 628 5.15 18.98 -5.39
C VAL A 628 4.54 17.71 -6.00
N ALA A 629 5.38 16.82 -6.50
CA ALA A 629 4.87 15.56 -7.04
C ALA A 629 4.36 14.66 -5.93
N LEU A 630 3.07 14.37 -5.95
CA LEU A 630 2.47 13.40 -5.02
C LEU A 630 1.96 12.19 -5.77
N MET A 631 2.23 11.00 -5.24
CA MET A 631 1.57 9.80 -5.75
C MET A 631 0.62 9.28 -4.70
N GLU A 632 -0.64 9.65 -4.85
CA GLU A 632 -1.69 9.25 -3.91
C GLU A 632 -2.69 8.34 -4.63
N ASP A 633 -3.25 7.38 -3.90
CA ASP A 633 -4.33 6.58 -4.46
C ASP A 633 -5.67 7.32 -4.28
N ARG A 634 -6.78 6.61 -4.47
CA ARG A 634 -8.10 7.21 -4.45
C ARG A 634 -8.53 7.80 -3.09
N ALA A 635 -7.91 7.36 -2.00
CA ALA A 635 -8.22 7.91 -0.68
C ALA A 635 -7.95 9.43 -0.57
N THR A 636 -7.10 9.95 -1.46
CA THR A 636 -6.88 11.39 -1.54
C THR A 636 -8.18 12.12 -1.90
N LEU A 637 -8.98 11.49 -2.75
CA LEU A 637 -10.25 12.05 -3.17
C LEU A 637 -11.24 12.02 -2.02
N ARG A 638 -11.20 10.95 -1.24
CA ARG A 638 -12.14 10.80 -0.14
C ARG A 638 -11.88 11.88 0.90
N ILE A 639 -10.62 12.08 1.29
CA ILE A 639 -10.37 13.13 2.25
C ILE A 639 -10.68 14.55 1.75
N SER A 640 -10.20 14.90 0.55
CA SER A 640 -10.41 16.26 0.04
C SER A 640 -11.90 16.56 -0.13
N SER A 641 -12.63 15.63 -0.74
CA SER A 641 -14.03 15.89 -0.99
C SER A 641 -14.80 15.95 0.32
N GLN A 642 -14.44 15.08 1.28
CA GLN A 642 -15.09 15.14 2.58
C GLN A 642 -14.79 16.44 3.35
N LEU A 643 -13.54 16.89 3.28
CA LEU A 643 -13.15 18.12 3.95
C LEU A 643 -13.96 19.29 3.40
N LEU A 644 -14.01 19.42 2.08
CA LEU A 644 -14.78 20.50 1.46
C LEU A 644 -16.26 20.39 1.78
N ALA A 645 -16.79 19.17 1.72
CA ALA A 645 -18.19 18.92 2.05
C ALA A 645 -18.45 19.39 3.46
N ASN A 646 -17.51 19.11 4.35
CA ASN A 646 -17.64 19.51 5.76
C ASN A 646 -17.61 21.02 5.97
N TRP A 647 -16.67 21.68 5.31
CA TRP A 647 -16.63 23.14 5.35
C TRP A 647 -17.87 23.79 4.69
N LEU A 648 -18.38 23.18 3.62
CA LEU A 648 -19.61 23.69 3.00
C LEU A 648 -20.78 23.46 3.93
N ARG A 649 -20.75 22.34 4.66
CA ARG A 649 -21.85 21.97 5.55
C ARG A 649 -21.99 22.93 6.71
N HIS A 650 -20.86 23.47 7.16
CA HIS A 650 -20.84 24.28 8.37
C HIS A 650 -20.58 25.77 8.15
N GLY A 651 -20.69 26.20 6.91
CA GLY A 651 -20.71 27.62 6.61
C GLY A 651 -19.35 28.26 6.57
N VAL A 652 -18.29 27.43 6.53
CA VAL A 652 -16.94 27.95 6.42
C VAL A 652 -16.70 28.55 5.03
N ILE A 653 -17.29 27.92 4.04
CA ILE A 653 -17.18 28.36 2.66
C ILE A 653 -18.57 28.30 2.04
N THR A 654 -18.77 29.00 0.93
CA THR A 654 -20.04 29.00 0.23
C THR A 654 -19.91 28.19 -1.04
N SER A 655 -21.03 27.88 -1.67
CA SER A 655 -20.94 27.12 -2.91
C SER A 655 -20.28 27.93 -4.03
N ALA A 656 -20.30 29.25 -3.93
CA ALA A 656 -19.60 30.07 -4.90
C ALA A 656 -18.08 29.97 -4.70
N ASP A 657 -17.64 29.89 -3.45
CA ASP A 657 -16.23 29.68 -3.14
C ASP A 657 -15.72 28.39 -3.81
N VAL A 658 -16.53 27.35 -3.72
CA VAL A 658 -16.17 26.05 -4.27
C VAL A 658 -16.05 26.15 -5.80
N ARG A 659 -17.08 26.74 -6.42
CA ARG A 659 -17.12 26.91 -7.87
C ARG A 659 -15.91 27.69 -8.40
N ALA A 660 -15.63 28.82 -7.77
CA ALA A 660 -14.55 29.69 -8.20
C ALA A 660 -13.22 28.99 -8.05
N SER A 661 -13.06 28.26 -6.94
CA SER A 661 -11.86 27.48 -6.77
C SER A 661 -11.71 26.40 -7.85
N LEU A 662 -12.80 25.69 -8.16
CA LEU A 662 -12.74 24.67 -9.20
C LEU A 662 -12.36 25.30 -10.53
N GLU A 663 -12.89 26.49 -10.77
CA GLU A 663 -12.61 27.22 -12.00
C GLU A 663 -11.21 27.78 -12.02
N ARG A 664 -10.68 28.17 -10.86
CA ARG A 664 -9.29 28.63 -10.79
C ARG A 664 -8.30 27.48 -10.99
N MET A 665 -8.62 26.33 -10.41
CA MET A 665 -7.66 25.23 -10.32
C MET A 665 -7.62 24.40 -11.59
N ALA A 666 -8.75 24.31 -12.29
CA ALA A 666 -8.85 23.53 -13.51
C ALA A 666 -7.86 23.89 -14.64
N PRO A 667 -7.70 25.19 -14.94
CA PRO A 667 -6.71 25.51 -15.98
C PRO A 667 -5.30 25.18 -15.50
N LEU A 668 -5.05 25.38 -14.20
CA LEU A 668 -3.76 25.01 -13.62
C LEU A 668 -3.49 23.52 -13.78
N VAL A 669 -4.50 22.69 -13.49
CA VAL A 669 -4.38 21.25 -13.74
C VAL A 669 -4.14 20.96 -15.21
N ASP A 670 -4.89 21.62 -16.09
CA ASP A 670 -4.71 21.47 -17.54
C ASP A 670 -3.25 21.71 -17.88
N ARG A 671 -2.69 22.78 -17.33
CA ARG A 671 -1.31 23.13 -17.64
C ARG A 671 -0.33 22.11 -17.09
N GLN A 672 -0.61 21.60 -15.90
CA GLN A 672 0.26 20.61 -15.25
C GLN A 672 0.26 19.29 -16.02
N ASN A 673 -0.68 19.14 -16.93
CA ASN A 673 -0.77 17.93 -17.75
C ASN A 673 -0.33 18.13 -19.20
N ALA A 674 0.47 19.16 -19.44
CA ALA A 674 0.96 19.46 -20.79
C ALA A 674 1.84 18.34 -21.35
N GLY A 675 2.51 17.61 -20.47
CA GLY A 675 3.37 16.52 -20.92
C GLY A 675 2.66 15.29 -21.49
N ASP A 676 1.34 15.38 -21.64
CA ASP A 676 0.52 14.21 -21.94
C ASP A 676 -0.18 14.33 -23.29
N VAL A 677 0.18 13.45 -24.21
CA VAL A 677 -0.43 13.39 -25.53
C VAL A 677 -1.95 13.22 -25.49
N ALA A 678 -2.43 12.44 -24.53
CA ALA A 678 -3.83 12.03 -24.51
C ALA A 678 -4.72 12.98 -23.72
N TYR A 679 -4.10 13.98 -23.08
CA TYR A 679 -4.84 14.86 -22.19
C TYR A 679 -5.86 15.74 -22.92
N ARG A 680 -6.99 15.97 -22.27
CA ARG A 680 -8.06 16.79 -22.80
C ARG A 680 -8.41 17.86 -21.78
N PRO A 681 -8.18 19.12 -22.12
CA PRO A 681 -8.33 20.23 -21.17
C PRO A 681 -9.76 20.35 -20.64
N MET A 682 -9.89 20.63 -19.35
CA MET A 682 -11.19 20.84 -18.74
C MET A 682 -11.67 22.25 -19.00
N ALA A 683 -10.76 23.20 -18.88
CA ALA A 683 -11.06 24.60 -19.17
C ALA A 683 -11.04 24.83 -20.69
N PRO A 684 -11.92 25.72 -21.19
CA PRO A 684 -12.86 26.55 -20.44
C PRO A 684 -14.30 26.02 -20.49
N ASN A 685 -14.53 24.91 -21.18
CA ASN A 685 -15.87 24.37 -21.29
C ASN A 685 -16.19 23.41 -20.14
N PHE A 686 -16.11 23.94 -18.92
CA PHE A 686 -16.21 23.14 -17.71
C PHE A 686 -17.32 22.10 -17.71
N ASP A 687 -18.54 22.52 -18.01
CA ASP A 687 -19.68 21.60 -17.93
C ASP A 687 -19.75 20.66 -19.14
N ASP A 688 -18.75 20.69 -20.00
CA ASP A 688 -18.64 19.75 -21.11
C ASP A 688 -17.62 18.68 -20.79
N SER A 689 -16.94 18.84 -19.67
CA SER A 689 -15.97 17.86 -19.22
C SER A 689 -16.57 16.95 -18.17
N ILE A 690 -16.63 15.66 -18.47
CA ILE A 690 -17.20 14.70 -17.53
C ILE A 690 -16.33 14.65 -16.28
N ALA A 691 -15.01 14.83 -16.46
CA ALA A 691 -14.09 14.84 -15.33
C ALA A 691 -14.34 16.05 -14.42
N PHE A 692 -14.59 17.21 -15.01
CA PHE A 692 -14.86 18.40 -14.21
C PHE A 692 -16.15 18.22 -13.42
N LEU A 693 -17.20 17.73 -14.09
CA LEU A 693 -18.48 17.45 -13.43
C LEU A 693 -18.34 16.40 -12.32
N ALA A 694 -17.44 15.44 -12.52
CA ALA A 694 -17.19 14.41 -11.52
C ALA A 694 -16.64 15.05 -10.25
N ALA A 695 -15.68 15.95 -10.46
CA ALA A 695 -15.03 16.65 -9.36
C ALA A 695 -16.05 17.45 -8.57
N GLN A 696 -16.85 18.22 -9.30
CA GLN A 696 -17.93 19.01 -8.70
C GLN A 696 -18.89 18.13 -7.90
N GLU A 697 -19.29 17.00 -8.50
CA GLU A 697 -20.25 16.09 -7.90
C GLU A 697 -19.71 15.43 -6.62
N LEU A 698 -18.41 15.11 -6.61
CA LEU A 698 -17.80 14.53 -5.41
C LEU A 698 -17.93 15.48 -4.22
N ILE A 699 -17.75 16.77 -4.46
CA ILE A 699 -17.83 17.75 -3.38
C ILE A 699 -19.28 18.00 -2.96
N LEU A 700 -20.13 18.26 -3.93
CA LEU A 700 -21.49 18.70 -3.63
C LEU A 700 -22.38 17.57 -3.11
N SER A 701 -22.01 16.33 -3.44
CA SER A 701 -22.74 15.17 -2.95
C SER A 701 -21.99 14.44 -1.85
N GLY A 702 -20.81 14.93 -1.51
CA GLY A 702 -19.94 14.29 -0.52
C GLY A 702 -20.63 13.90 0.77
N ALA A 703 -21.37 14.85 1.37
CA ALA A 703 -22.05 14.59 2.62
C ALA A 703 -23.01 13.40 2.56
N GLN A 704 -23.51 13.09 1.36
CA GLN A 704 -24.48 12.01 1.21
C GLN A 704 -23.90 10.67 0.74
N GLN A 705 -22.59 10.63 0.48
CA GLN A 705 -21.98 9.35 0.07
C GLN A 705 -21.74 8.50 1.30
N PRO A 706 -22.06 7.20 1.22
CA PRO A 706 -21.90 6.31 2.37
C PRO A 706 -20.46 6.33 2.84
N ASN A 707 -20.24 6.75 4.09
CA ASN A 707 -18.92 6.86 4.69
C ASN A 707 -17.95 7.71 3.87
N GLY A 708 -18.53 8.57 3.03
CA GLY A 708 -17.77 9.45 2.16
C GLY A 708 -17.06 8.76 1.02
N TYR A 709 -17.41 7.50 0.73
CA TYR A 709 -16.76 6.78 -0.37
C TYR A 709 -16.96 7.44 -1.72
N THR A 710 -15.88 7.49 -2.51
CA THR A 710 -15.91 8.20 -3.78
C THR A 710 -16.21 7.29 -4.96
N GLU A 711 -16.17 5.97 -4.74
CA GLU A 711 -16.31 5.03 -5.85
C GLU A 711 -17.66 5.12 -6.58
N PRO A 712 -18.78 5.27 -5.85
CA PRO A 712 -20.04 5.29 -6.60
C PRO A 712 -20.10 6.38 -7.66
N ILE A 713 -19.67 7.59 -7.31
CA ILE A 713 -19.65 8.69 -8.26
C ILE A 713 -18.55 8.50 -9.32
N LEU A 714 -17.34 8.13 -8.87
CA LEU A 714 -16.20 7.96 -9.76
C LEU A 714 -16.46 6.90 -10.82
N HIS A 715 -16.98 5.74 -10.40
CA HIS A 715 -17.22 4.64 -11.32
C HIS A 715 -18.26 5.04 -12.36
N ARG A 716 -19.31 5.71 -11.91
CA ARG A 716 -20.37 6.12 -12.81
C ARG A 716 -19.83 7.07 -13.87
N ARG A 717 -19.04 8.06 -13.43
CA ARG A 717 -18.51 9.06 -14.34
C ARG A 717 -17.52 8.46 -15.34
N ARG A 718 -16.72 7.50 -14.89
CA ARG A 718 -15.75 6.86 -15.77
C ARG A 718 -16.47 6.03 -16.82
N ARG A 719 -17.55 5.36 -16.42
CA ARG A 719 -18.37 4.61 -17.37
C ARG A 719 -19.03 5.54 -18.38
N GLU A 720 -19.49 6.70 -17.90
CA GLU A 720 -20.08 7.73 -18.74
C GLU A 720 -19.07 8.19 -19.78
N PHE A 721 -17.84 8.46 -19.35
CA PHE A 721 -16.79 8.84 -20.28
C PHE A 721 -16.56 7.72 -21.30
N LYS A 722 -16.40 6.49 -20.83
CA LYS A 722 -16.16 5.36 -21.72
C LYS A 722 -17.26 5.24 -22.77
N ALA A 723 -18.52 5.32 -22.32
CA ALA A 723 -19.66 5.16 -23.20
C ALA A 723 -19.71 6.22 -24.29
N ARG A 724 -19.46 7.47 -23.94
CA ARG A 724 -19.49 8.54 -24.93
C ARG A 724 -18.27 8.49 -25.85
N ALA A 725 -17.20 7.86 -25.38
CA ALA A 725 -16.02 7.61 -26.22
C ALA A 725 -16.36 6.61 -27.32
N ALA A 726 -17.31 5.72 -27.04
CA ALA A 726 -17.78 4.78 -28.04
C ALA A 726 -18.84 5.44 -28.93
N GLU A 727 -18.48 6.60 -29.48
CA GLU A 727 -19.39 7.39 -30.32
C GLU A 727 -19.81 6.64 -31.58
#